data_4KH4
#
_entry.id   4KH4
#
_cell.length_a   74.156
_cell.length_b   148.267
_cell.length_c   242.176
_cell.angle_alpha   90.00
_cell.angle_beta   90.00
_cell.angle_gamma   90.00
#
_symmetry.space_group_name_H-M   'C 2 2 21'
#
loop_
_entity.id
_entity.type
_entity.pdbx_description
1 polymer 'Nucleoside-triphosphatase 2'
2 non-polymer 'PHOSPHOAMINOPHOSPHONIC ACID-ADENYLATE ESTER'
3 non-polymer 'MAGNESIUM ION'
#
_entity_poly.entity_id   1
_entity_poly.type   'polypeptide(L)'
_entity_poly.pdbx_seq_one_letter_code
;MTDSSSLRGVDADTEKRINVGKTHLQTLRNLETRCHDSLQALVVIDAGSSSTRTNVFLAKTRSCPNKGRSIDPDSIQLIR
EGKRFTGLRVVLEEWLDTYAGKDWESRPVDARLLFQYVPQMHEGAKKLMQLLEEDTVAILDSQLNEEQKVQVKALGIPVM
LCSTAGVRDFHEWYRDALFVLLRHLINNPSPAHGYKFFTNPFWTRPITGAEEGLFAFITLNHLSRRLGEDPARSMIDEYG
VKHSRNDLAGVVEVGGASAQIVFPLQEGTVLPSSVRAVNLQRERLLPERYPSADVVSVSFMQLGMASSAGLFLKELCSND
EFLQGGICSNPCLFKGFQQSCSAGEVEVRPDGSASVNEDVRKNRLKPLATYCSVHNPEISFKVTNEMQCRENSIDPTKPL
AERMKIENCSIIEGTGNFDKCVSQVESILVAPKLPLPANIEAASSGFESVDQVFRFASSTAPMFITGREMLASIDTLKDH
RLLRSDFSGDVEELAEAAREFCSSEVIIRTDGPVIQLPNARGEQKLNSLNFDLCKTMALTVSLLRHMAAGENQPSFIKWE
KSIAGPDGKPLADLGWQVGVILHHVLFTEEWGRTAYEAGYSHNLEHHHHHH
;
_entity_poly.pdbx_strand_id   A,B
#
loop_
_chem_comp.id
_chem_comp.type
_chem_comp.name
_chem_comp.formula
ANP non-polymer 'PHOSPHOAMINOPHOSPHONIC ACID-ADENYLATE ESTER' 'C10 H17 N6 O12 P3'
MG non-polymer 'MAGNESIUM ION' 'Mg 2'
#
# COMPACT_ATOMS: atom_id res chain seq x y z
N ASP A 11 8.84 -2.35 -80.26
CA ASP A 11 8.24 -3.42 -79.46
C ASP A 11 8.84 -3.52 -78.06
N ALA A 12 10.13 -3.15 -77.91
CA ALA A 12 10.85 -3.18 -76.63
C ALA A 12 10.32 -2.14 -75.64
N ASP A 13 10.09 -0.89 -76.11
CA ASP A 13 9.57 0.21 -75.30
C ASP A 13 8.06 0.18 -75.10
N THR A 14 7.33 -0.65 -75.88
CA THR A 14 5.88 -0.82 -75.75
C THR A 14 5.62 -1.73 -74.53
N GLU A 15 6.35 -2.86 -74.44
CA GLU A 15 6.27 -3.86 -73.36
C GLU A 15 6.89 -3.32 -72.06
N LYS A 16 7.80 -2.32 -72.17
CA LYS A 16 8.46 -1.66 -71.04
C LYS A 16 7.44 -0.77 -70.31
N ARG A 17 6.62 -0.01 -71.07
CA ARG A 17 5.56 0.88 -70.59
C ARG A 17 4.46 0.11 -69.85
N ILE A 18 4.19 -1.14 -70.28
CA ILE A 18 3.19 -2.05 -69.69
C ILE A 18 3.58 -2.38 -68.23
N ASN A 19 4.88 -2.67 -67.99
CA ASN A 19 5.41 -2.98 -66.66
C ASN A 19 5.41 -1.76 -65.73
N VAL A 20 5.51 -0.54 -66.30
CA VAL A 20 5.49 0.73 -65.54
C VAL A 20 4.10 0.91 -64.89
N GLY A 21 3.06 0.65 -65.67
CA GLY A 21 1.67 0.72 -65.22
C GLY A 21 1.32 -0.38 -64.25
N LYS A 22 1.94 -1.57 -64.43
CA LYS A 22 1.77 -2.73 -63.56
C LYS A 22 2.39 -2.42 -62.19
N THR A 23 3.57 -1.75 -62.19
CA THR A 23 4.30 -1.32 -60.99
C THR A 23 3.52 -0.21 -60.30
N HIS A 24 2.89 0.69 -61.09
CA HIS A 24 2.07 1.80 -60.61
C HIS A 24 0.93 1.29 -59.72
N LEU A 25 0.29 0.17 -60.10
CA LEU A 25 -0.79 -0.44 -59.33
C LEU A 25 -0.24 -1.18 -58.11
N GLN A 26 0.90 -1.88 -58.27
CA GLN A 26 1.56 -2.63 -57.19
C GLN A 26 2.02 -1.69 -56.07
N THR A 27 2.57 -0.50 -56.43
CA THR A 27 3.01 0.51 -55.48
C THR A 27 1.82 1.00 -54.66
N LEU A 28 0.70 1.30 -55.35
CA LEU A 28 -0.56 1.76 -54.75
C LEU A 28 -1.20 0.65 -53.88
N ARG A 29 -1.09 -0.62 -54.32
CA ARG A 29 -1.60 -1.79 -53.59
C ARG A 29 -0.77 -2.05 -52.34
N ASN A 30 0.55 -1.74 -52.39
CA ASN A 30 1.45 -1.91 -51.25
C ASN A 30 1.12 -0.87 -50.18
N LEU A 31 0.90 0.40 -50.57
CA LEU A 31 0.55 1.51 -49.69
C LEU A 31 -0.66 1.21 -48.80
N GLU A 32 -1.73 0.64 -49.41
CA GLU A 32 -2.97 0.28 -48.70
C GLU A 32 -2.92 -0.98 -47.83
N THR A 33 -1.89 -1.85 -48.02
CA THR A 33 -1.75 -3.10 -47.23
C THR A 33 -0.68 -3.01 -46.14
N ARG A 34 0.40 -2.25 -46.38
CA ARG A 34 1.50 -2.10 -45.43
C ARG A 34 1.20 -1.15 -44.24
N CYS A 35 2.18 -0.98 -43.33
CA CYS A 35 2.07 -0.09 -42.18
C CYS A 35 2.63 1.28 -42.54
N HIS A 36 2.13 2.34 -41.89
CA HIS A 36 2.59 3.70 -42.11
C HIS A 36 3.08 4.31 -40.81
N ASP A 37 4.31 4.88 -40.83
CA ASP A 37 4.93 5.49 -39.66
C ASP A 37 4.74 7.00 -39.65
N SER A 38 4.33 7.53 -38.49
CA SER A 38 4.09 8.94 -38.25
C SER A 38 4.74 9.35 -36.92
N LEU A 39 5.24 10.59 -36.85
CA LEU A 39 5.89 11.11 -35.66
C LEU A 39 4.87 11.70 -34.68
N GLN A 40 5.03 11.39 -33.37
CA GLN A 40 4.17 11.89 -32.30
C GLN A 40 4.99 12.44 -31.14
N ALA A 41 4.53 13.56 -30.56
CA ALA A 41 5.19 14.19 -29.42
C ALA A 41 4.55 13.71 -28.12
N LEU A 42 5.37 13.51 -27.09
CA LEU A 42 4.93 13.09 -25.76
C LEU A 42 5.51 14.05 -24.74
N VAL A 43 4.67 14.50 -23.79
CA VAL A 43 5.08 15.48 -22.78
C VAL A 43 4.94 14.92 -21.37
N VAL A 44 6.02 15.01 -20.59
CA VAL A 44 6.08 14.60 -19.19
C VAL A 44 6.48 15.84 -18.38
N ILE A 45 5.57 16.37 -17.55
CA ILE A 45 5.86 17.56 -16.75
C ILE A 45 6.30 17.15 -15.34
N ASP A 46 7.62 17.28 -15.07
CA ASP A 46 8.21 16.95 -13.78
C ASP A 46 7.89 18.06 -12.80
N ALA A 47 6.86 17.84 -11.97
CA ALA A 47 6.42 18.80 -10.95
C ALA A 47 7.08 18.41 -9.62
N GLY A 48 8.41 18.51 -9.60
CA GLY A 48 9.25 18.18 -8.45
C GLY A 48 9.22 19.16 -7.31
N SER A 49 10.14 18.98 -6.34
CA SER A 49 10.27 19.82 -5.15
C SER A 49 10.84 21.19 -5.46
N SER A 50 12.01 21.23 -6.14
CA SER A 50 12.75 22.43 -6.53
C SER A 50 12.02 23.28 -7.55
N SER A 51 11.40 22.65 -8.57
CA SER A 51 10.73 23.34 -9.66
C SER A 51 9.74 22.46 -10.43
N THR A 52 8.96 23.09 -11.35
CA THR A 52 8.03 22.43 -12.26
C THR A 52 8.55 22.70 -13.67
N ARG A 53 9.05 21.65 -14.35
CA ARG A 53 9.64 21.76 -15.69
C ARG A 53 9.07 20.74 -16.69
N THR A 54 8.93 21.19 -17.94
CA THR A 54 8.43 20.37 -19.04
C THR A 54 9.53 19.51 -19.67
N ASN A 55 9.16 18.31 -20.15
CA ASN A 55 10.08 17.39 -20.83
C ASN A 55 9.41 16.96 -22.12
N VAL A 56 9.95 17.42 -23.25
CA VAL A 56 9.40 17.12 -24.56
C VAL A 56 10.11 15.91 -25.18
N PHE A 57 9.34 14.87 -25.48
CA PHE A 57 9.80 13.63 -26.08
C PHE A 57 9.22 13.46 -27.48
N LEU A 58 9.87 12.63 -28.30
CA LEU A 58 9.41 12.28 -29.64
C LEU A 58 9.48 10.78 -29.82
N ALA A 59 8.39 10.20 -30.34
CA ALA A 59 8.29 8.77 -30.58
C ALA A 59 7.71 8.49 -31.96
N LYS A 60 8.05 7.33 -32.52
CA LYS A 60 7.57 6.89 -33.82
C LYS A 60 6.33 6.00 -33.63
N THR A 61 5.19 6.44 -34.17
CA THR A 61 3.93 5.67 -34.12
C THR A 61 3.84 4.83 -35.38
N ARG A 62 3.22 3.64 -35.28
CA ARG A 62 3.04 2.77 -36.43
C ARG A 62 1.59 2.31 -36.50
N SER A 63 0.89 2.67 -37.59
CA SER A 63 -0.49 2.27 -37.81
C SER A 63 -0.53 1.19 -38.88
N CYS A 64 -1.11 0.03 -38.54
CA CYS A 64 -1.21 -1.11 -39.44
C CYS A 64 -2.66 -1.50 -39.69
N PRO A 65 -3.03 -1.95 -40.92
CA PRO A 65 -4.44 -2.36 -41.17
C PRO A 65 -4.93 -3.44 -40.20
N ASN A 66 -6.11 -3.21 -39.58
CA ASN A 66 -6.76 -4.06 -38.58
C ASN A 66 -5.96 -4.24 -37.28
N LYS A 67 -4.79 -3.58 -37.16
CA LYS A 67 -3.91 -3.65 -35.98
C LYS A 67 -3.83 -2.34 -35.19
N GLY A 68 -4.43 -1.27 -35.72
CA GLY A 68 -4.46 0.03 -35.08
C GLY A 68 -3.12 0.74 -35.04
N ARG A 69 -2.95 1.68 -34.08
CA ARG A 69 -1.74 2.47 -33.91
C ARG A 69 -1.04 2.22 -32.57
N SER A 70 0.30 2.04 -32.61
CA SER A 70 1.14 1.78 -31.44
C SER A 70 2.44 2.58 -31.50
N ILE A 71 3.11 2.75 -30.34
CA ILE A 71 4.39 3.46 -30.24
C ILE A 71 5.55 2.46 -30.14
N ASP A 72 6.64 2.73 -30.88
CA ASP A 72 7.86 1.92 -30.83
C ASP A 72 8.62 2.38 -29.57
N PRO A 73 8.70 1.52 -28.52
CA PRO A 73 9.35 1.95 -27.27
C PRO A 73 10.80 2.42 -27.42
N ASP A 74 11.55 1.76 -28.31
CA ASP A 74 12.95 2.06 -28.60
C ASP A 74 13.15 3.40 -29.32
N SER A 75 12.09 3.91 -29.97
CA SER A 75 12.10 5.19 -30.71
C SER A 75 11.90 6.41 -29.79
N ILE A 76 11.53 6.19 -28.50
CA ILE A 76 11.31 7.25 -27.51
C ILE A 76 12.61 7.97 -27.18
N GLN A 77 12.69 9.26 -27.54
CA GLN A 77 13.86 10.10 -27.29
C GLN A 77 13.50 11.50 -26.82
N LEU A 78 14.24 12.03 -25.84
CA LEU A 78 14.00 13.38 -25.32
C LEU A 78 14.58 14.41 -26.27
N ILE A 79 13.78 15.43 -26.61
CA ILE A 79 14.25 16.50 -27.47
C ILE A 79 14.78 17.71 -26.70
N ARG A 80 14.28 17.91 -25.44
CA ARG A 80 14.70 18.96 -24.50
C ARG A 80 13.90 18.96 -23.20
N GLU A 81 14.59 19.26 -22.07
CA GLU A 81 13.98 19.46 -20.76
C GLU A 81 13.90 20.99 -20.64
N GLY A 82 12.67 21.49 -20.51
CA GLY A 82 12.39 22.92 -20.46
C GLY A 82 12.86 23.68 -19.23
N LYS A 83 12.52 24.99 -19.20
CA LYS A 83 12.86 25.95 -18.13
C LYS A 83 12.27 25.52 -16.78
N ARG A 84 12.97 25.83 -15.69
CA ARG A 84 12.57 25.47 -14.34
C ARG A 84 11.67 26.53 -13.69
N PHE A 85 10.34 26.36 -13.82
CA PHE A 85 9.32 27.26 -13.28
C PHE A 85 8.95 26.90 -11.84
N THR A 86 8.15 27.77 -11.18
CA THR A 86 7.71 27.62 -9.78
C THR A 86 7.08 26.26 -9.45
N GLY A 87 7.54 25.65 -8.36
CA GLY A 87 7.07 24.35 -7.89
C GLY A 87 5.63 24.38 -7.39
N LEU A 88 4.93 23.22 -7.46
CA LEU A 88 3.53 23.10 -7.02
C LEU A 88 3.32 23.47 -5.56
N ARG A 89 4.33 23.20 -4.69
CA ARG A 89 4.32 23.53 -3.26
C ARG A 89 4.21 25.06 -3.08
N VAL A 90 5.02 25.83 -3.84
CA VAL A 90 5.06 27.29 -3.83
C VAL A 90 3.70 27.89 -4.27
N VAL A 91 3.11 27.34 -5.34
CA VAL A 91 1.80 27.75 -5.89
C VAL A 91 0.71 27.61 -4.81
N LEU A 92 0.68 26.45 -4.12
CA LEU A 92 -0.28 26.15 -3.05
C LEU A 92 -0.02 26.99 -1.79
N GLU A 93 1.26 27.24 -1.45
CA GLU A 93 1.66 28.03 -0.29
C GLU A 93 1.33 29.51 -0.48
N GLU A 94 1.47 30.03 -1.72
CA GLU A 94 1.17 31.42 -2.09
C GLU A 94 -0.34 31.68 -1.99
N TRP A 95 -1.14 30.67 -2.39
CA TRP A 95 -2.60 30.66 -2.35
C TRP A 95 -3.07 30.73 -0.89
N LEU A 96 -2.43 29.94 0.00
CA LEU A 96 -2.72 29.92 1.43
C LEU A 96 -2.28 31.23 2.10
N ASP A 97 -1.16 31.82 1.63
CA ASP A 97 -0.64 33.09 2.15
C ASP A 97 -1.64 34.24 1.91
N THR A 98 -2.36 34.20 0.77
CA THR A 98 -3.33 35.24 0.39
C THR A 98 -4.80 34.90 0.69
N TYR A 99 -5.17 33.60 0.77
CA TYR A 99 -6.56 33.21 1.02
C TYR A 99 -6.85 32.56 2.38
N ALA A 100 -5.80 32.22 3.14
CA ALA A 100 -5.91 31.67 4.50
C ALA A 100 -5.08 32.53 5.46
N GLY A 101 -4.57 33.65 4.96
CA GLY A 101 -3.78 34.60 5.73
C GLY A 101 -2.30 34.24 5.84
N LYS A 102 -1.43 35.25 5.94
CA LYS A 102 0.02 35.09 6.07
C LYS A 102 0.36 34.43 7.42
N ASP A 103 1.42 33.57 7.42
CA ASP A 103 1.90 32.80 8.58
C ASP A 103 0.84 31.81 9.10
N TRP A 104 0.19 31.11 8.15
CA TRP A 104 -0.84 30.09 8.37
C TRP A 104 -0.21 28.81 8.96
N GLU A 105 1.12 28.71 8.86
CA GLU A 105 1.95 27.59 9.34
C GLU A 105 1.99 27.52 10.87
N SER A 106 1.82 28.67 11.55
CA SER A 106 1.87 28.79 13.01
C SER A 106 0.48 28.95 13.65
N ARG A 107 -0.56 29.14 12.81
CA ARG A 107 -1.95 29.35 13.24
C ARG A 107 -2.86 28.16 12.88
N PRO A 108 -3.95 27.87 13.66
CA PRO A 108 -4.87 26.81 13.24
C PRO A 108 -5.77 27.31 12.11
N VAL A 109 -5.74 26.60 10.96
CA VAL A 109 -6.48 26.97 9.76
C VAL A 109 -7.64 26.01 9.48
N ASP A 110 -8.84 26.57 9.25
CA ASP A 110 -10.06 25.83 8.94
C ASP A 110 -10.07 25.54 7.43
N ALA A 111 -9.83 24.26 7.06
CA ALA A 111 -9.76 23.79 5.68
C ALA A 111 -11.08 23.95 4.91
N ARG A 112 -12.23 23.80 5.61
CA ARG A 112 -13.58 23.92 5.06
C ARG A 112 -13.80 25.31 4.44
N LEU A 113 -13.30 26.36 5.11
CA LEU A 113 -13.41 27.77 4.67
C LEU A 113 -12.64 28.07 3.38
N LEU A 114 -11.58 27.29 3.09
CA LEU A 114 -10.75 27.47 1.89
C LEU A 114 -11.44 27.05 0.58
N PHE A 115 -12.58 26.32 0.67
CA PHE A 115 -13.36 25.87 -0.49
C PHE A 115 -13.96 27.02 -1.32
N GLN A 116 -14.20 28.19 -0.69
CA GLN A 116 -14.72 29.37 -1.37
C GLN A 116 -13.64 30.07 -2.23
N TYR A 117 -12.37 29.64 -2.09
CA TYR A 117 -11.22 30.21 -2.81
C TYR A 117 -10.65 29.28 -3.90
N VAL A 118 -11.46 28.30 -4.36
CA VAL A 118 -11.10 27.36 -5.44
C VAL A 118 -10.92 28.10 -6.80
N PRO A 119 -11.82 29.04 -7.23
CA PRO A 119 -11.57 29.77 -8.49
C PRO A 119 -10.29 30.58 -8.47
N GLN A 120 -9.86 31.03 -7.28
CA GLN A 120 -8.64 31.79 -7.05
C GLN A 120 -7.39 30.90 -7.12
N MET A 121 -7.55 29.58 -6.83
CA MET A 121 -6.48 28.59 -6.93
C MET A 121 -6.26 28.27 -8.40
N HIS A 122 -7.34 28.29 -9.20
CA HIS A 122 -7.34 28.03 -10.64
C HIS A 122 -6.50 29.08 -11.37
N GLU A 123 -6.60 30.37 -10.95
CA GLU A 123 -5.82 31.47 -11.53
C GLU A 123 -4.33 31.34 -11.23
N GLY A 124 -3.99 30.88 -10.02
CA GLY A 124 -2.62 30.66 -9.57
C GLY A 124 -1.95 29.55 -10.37
N ALA A 125 -2.71 28.47 -10.64
CA ALA A 125 -2.28 27.32 -11.42
C ALA A 125 -2.24 27.66 -12.92
N LYS A 126 -3.16 28.53 -13.39
CA LYS A 126 -3.26 28.99 -14.79
C LYS A 126 -1.97 29.71 -15.20
N LYS A 127 -1.46 30.58 -14.32
CA LYS A 127 -0.23 31.36 -14.51
C LYS A 127 0.96 30.46 -14.78
N LEU A 128 1.10 29.37 -13.99
CA LEU A 128 2.17 28.38 -14.12
C LEU A 128 1.98 27.54 -15.38
N MET A 129 0.74 27.06 -15.62
CA MET A 129 0.40 26.24 -16.79
C MET A 129 0.60 26.95 -18.12
N GLN A 130 0.34 28.28 -18.17
CA GLN A 130 0.54 29.09 -19.38
C GLN A 130 2.03 29.21 -19.71
N LEU A 131 2.90 29.28 -18.67
CA LEU A 131 4.35 29.35 -18.82
C LEU A 131 4.88 28.02 -19.37
N LEU A 132 4.44 26.88 -18.79
CA LEU A 132 4.80 25.52 -19.19
C LEU A 132 4.34 25.22 -20.63
N GLU A 133 3.12 25.68 -20.99
CA GLU A 133 2.53 25.51 -22.32
C GLU A 133 3.34 26.30 -23.36
N GLU A 134 3.68 27.57 -23.04
CA GLU A 134 4.46 28.47 -23.90
C GLU A 134 5.86 27.90 -24.17
N ASP A 135 6.48 27.32 -23.13
CA ASP A 135 7.82 26.71 -23.17
C ASP A 135 7.83 25.44 -24.03
N THR A 136 6.81 24.58 -23.85
CA THR A 136 6.63 23.33 -24.60
C THR A 136 6.52 23.61 -26.10
N VAL A 137 5.67 24.59 -26.48
CA VAL A 137 5.45 25.04 -27.86
C VAL A 137 6.76 25.61 -28.45
N ALA A 138 7.52 26.39 -27.65
CA ALA A 138 8.80 26.98 -28.06
C ALA A 138 9.83 25.90 -28.40
N ILE A 139 9.83 24.77 -27.64
CA ILE A 139 10.72 23.62 -27.87
C ILE A 139 10.33 22.93 -29.18
N LEU A 140 9.03 22.60 -29.35
CA LEU A 140 8.48 21.94 -30.52
C LEU A 140 8.72 22.74 -31.80
N ASP A 141 8.47 24.06 -31.77
CA ASP A 141 8.67 24.97 -32.91
C ASP A 141 10.13 25.07 -33.35
N SER A 142 11.07 25.02 -32.39
CA SER A 142 12.51 25.12 -32.64
C SER A 142 13.15 23.82 -33.14
N GLN A 143 12.62 22.66 -32.74
CA GLN A 143 13.18 21.36 -33.11
C GLN A 143 12.51 20.65 -34.29
N LEU A 144 11.19 20.81 -34.45
CA LEU A 144 10.44 20.16 -35.54
C LEU A 144 10.40 20.96 -36.82
N ASN A 145 10.48 20.26 -37.97
CA ASN A 145 10.37 20.87 -39.30
C ASN A 145 8.89 20.90 -39.67
N GLU A 146 8.53 21.56 -40.79
CA GLU A 146 7.14 21.68 -41.25
C GLU A 146 6.44 20.33 -41.45
N GLU A 147 7.15 19.35 -42.05
CA GLU A 147 6.64 17.99 -42.29
C GLU A 147 6.39 17.25 -40.97
N GLN A 148 7.33 17.40 -40.00
CA GLN A 148 7.25 16.80 -38.67
C GLN A 148 6.11 17.42 -37.85
N LYS A 149 5.96 18.77 -37.91
CA LYS A 149 4.93 19.55 -37.22
C LYS A 149 3.53 19.08 -37.56
N VAL A 150 3.26 18.81 -38.86
CA VAL A 150 1.96 18.34 -39.36
C VAL A 150 1.57 17.01 -38.71
N GLN A 151 2.51 16.03 -38.69
CA GLN A 151 2.33 14.70 -38.08
C GLN A 151 2.10 14.81 -36.56
N VAL A 152 2.88 15.69 -35.89
CA VAL A 152 2.83 15.95 -34.45
C VAL A 152 1.49 16.59 -34.06
N LYS A 153 1.04 17.60 -34.85
CA LYS A 153 -0.22 18.32 -34.58
C LYS A 153 -1.47 17.47 -34.84
N ALA A 154 -1.43 16.60 -35.88
CA ALA A 154 -2.54 15.74 -36.26
C ALA A 154 -2.85 14.63 -35.25
N LEU A 155 -1.81 14.01 -34.67
CA LEU A 155 -1.96 12.89 -33.72
C LEU A 155 -2.35 13.28 -32.30
N GLY A 156 -2.02 14.50 -31.88
CA GLY A 156 -2.30 14.96 -30.53
C GLY A 156 -1.10 14.74 -29.63
N ILE A 157 -1.00 15.52 -28.54
CA ILE A 157 0.12 15.43 -27.61
C ILE A 157 -0.29 14.99 -26.19
N PRO A 158 -0.12 13.69 -25.85
CA PRO A 158 -0.44 13.24 -24.48
C PRO A 158 0.46 13.91 -23.46
N VAL A 159 -0.15 14.52 -22.43
CA VAL A 159 0.58 15.23 -21.38
C VAL A 159 0.46 14.46 -20.07
N MET A 160 1.60 14.21 -19.42
CA MET A 160 1.68 13.47 -18.15
C MET A 160 2.38 14.33 -17.08
N LEU A 161 1.60 15.06 -16.26
CA LEU A 161 2.14 15.89 -15.18
C LEU A 161 2.09 15.06 -13.89
N CYS A 162 3.27 14.69 -13.38
CA CYS A 162 3.37 13.90 -12.16
C CYS A 162 4.15 14.66 -11.12
N SER A 163 3.55 14.81 -9.93
CA SER A 163 4.20 15.50 -8.81
C SER A 163 4.91 14.47 -7.94
N THR A 164 6.09 14.85 -7.41
CA THR A 164 6.90 13.96 -6.58
C THR A 164 6.89 14.38 -5.10
N ALA A 165 8.08 14.50 -4.46
CA ALA A 165 8.24 14.84 -3.04
C ALA A 165 7.81 16.24 -2.62
N GLY A 166 7.71 17.16 -3.58
CA GLY A 166 7.32 18.56 -3.35
C GLY A 166 5.98 18.73 -2.65
N VAL A 167 4.95 18.00 -3.13
CA VAL A 167 3.60 18.02 -2.56
C VAL A 167 3.15 16.66 -1.99
N ARG A 168 4.09 15.70 -1.87
CA ARG A 168 3.82 14.37 -1.32
C ARG A 168 3.33 14.45 0.13
N ASP A 169 3.96 15.32 0.93
CA ASP A 169 3.65 15.55 2.34
C ASP A 169 2.63 16.68 2.58
N PHE A 170 2.05 17.27 1.49
CA PHE A 170 1.11 18.38 1.59
C PHE A 170 -0.18 18.03 2.33
N HIS A 171 -0.47 18.78 3.40
CA HIS A 171 -1.62 18.64 4.28
C HIS A 171 -2.96 18.92 3.60
N GLU A 172 -4.04 18.36 4.18
CA GLU A 172 -5.44 18.51 3.77
C GLU A 172 -5.73 18.10 2.30
N TRP A 173 -6.83 18.62 1.73
CA TRP A 173 -7.30 18.35 0.36
C TRP A 173 -6.49 19.02 -0.74
N TYR A 174 -6.17 20.32 -0.56
CA TYR A 174 -5.45 21.25 -1.45
C TYR A 174 -4.73 20.69 -2.69
N ARG A 175 -3.80 19.72 -2.50
CA ARG A 175 -3.01 19.10 -3.58
C ARG A 175 -3.89 18.37 -4.60
N ASP A 176 -4.82 17.53 -4.11
CA ASP A 176 -5.72 16.75 -4.96
C ASP A 176 -6.68 17.65 -5.73
N ALA A 177 -7.14 18.76 -5.10
CA ALA A 177 -8.02 19.76 -5.71
C ALA A 177 -7.27 20.50 -6.81
N LEU A 178 -5.96 20.78 -6.60
CA LEU A 178 -5.08 21.45 -7.57
C LEU A 178 -4.94 20.57 -8.82
N PHE A 179 -4.78 19.24 -8.64
CA PHE A 179 -4.66 18.29 -9.74
C PHE A 179 -5.89 18.21 -10.64
N VAL A 180 -7.09 18.43 -10.08
CA VAL A 180 -8.34 18.45 -10.85
C VAL A 180 -8.33 19.71 -11.74
N LEU A 181 -7.83 20.83 -11.20
CA LEU A 181 -7.70 22.11 -11.90
C LEU A 181 -6.60 22.07 -12.96
N LEU A 182 -5.45 21.42 -12.65
CA LEU A 182 -4.30 21.28 -13.56
C LEU A 182 -4.67 20.54 -14.85
N ARG A 183 -5.47 19.46 -14.72
CA ARG A 183 -5.93 18.64 -15.85
C ARG A 183 -6.84 19.42 -16.79
N HIS A 184 -7.72 20.29 -16.25
CA HIS A 184 -8.63 21.13 -17.03
C HIS A 184 -7.83 22.18 -17.84
N LEU A 185 -6.73 22.69 -17.25
CA LEU A 185 -5.84 23.66 -17.89
C LEU A 185 -5.07 23.03 -19.05
N ILE A 186 -4.65 21.76 -18.91
CA ILE A 186 -3.95 21.02 -19.97
C ILE A 186 -4.93 20.72 -21.11
N ASN A 187 -6.12 20.18 -20.76
CA ASN A 187 -7.20 19.82 -21.71
C ASN A 187 -7.76 21.02 -22.47
N ASN A 188 -7.47 22.25 -22.02
CA ASN A 188 -7.90 23.48 -22.67
C ASN A 188 -6.68 24.36 -23.08
N PRO A 189 -5.88 23.94 -24.10
CA PRO A 189 -4.74 24.76 -24.51
C PRO A 189 -5.10 25.83 -25.54
N SER A 190 -4.15 26.73 -25.83
CA SER A 190 -4.30 27.80 -26.81
C SER A 190 -4.48 27.20 -28.22
N PRO A 191 -5.58 27.51 -28.93
CA PRO A 191 -5.78 26.93 -30.27
C PRO A 191 -4.83 27.49 -31.34
N ALA A 192 -4.23 28.67 -31.05
CA ALA A 192 -3.30 29.40 -31.92
C ALA A 192 -2.06 28.60 -32.34
N HIS A 193 -1.44 27.86 -31.41
CA HIS A 193 -0.22 27.08 -31.69
C HIS A 193 -0.42 25.83 -32.54
N GLY A 194 -1.61 25.24 -32.49
CA GLY A 194 -1.96 24.06 -33.28
C GLY A 194 -1.66 22.72 -32.61
N TYR A 195 -0.80 22.72 -31.58
CA TYR A 195 -0.43 21.51 -30.85
C TYR A 195 -1.58 21.08 -29.95
N LYS A 196 -2.14 19.89 -30.20
CA LYS A 196 -3.29 19.39 -29.46
C LYS A 196 -2.95 18.61 -28.17
N PHE A 197 -2.71 19.36 -27.09
CA PHE A 197 -2.39 18.81 -25.77
C PHE A 197 -3.66 18.32 -25.08
N PHE A 198 -3.58 17.14 -24.45
CA PHE A 198 -4.67 16.51 -23.73
C PHE A 198 -4.17 15.63 -22.60
N THR A 199 -4.99 15.45 -21.55
CA THR A 199 -4.66 14.61 -20.40
C THR A 199 -5.87 13.89 -19.79
N ASN A 200 -5.60 13.01 -18.82
CA ASN A 200 -6.61 12.22 -18.09
C ASN A 200 -6.12 11.95 -16.66
N PRO A 201 -7.01 11.57 -15.69
CA PRO A 201 -6.53 11.30 -14.32
C PRO A 201 -5.53 10.15 -14.16
N PHE A 202 -5.31 9.35 -15.23
CA PHE A 202 -4.36 8.23 -15.24
C PHE A 202 -2.96 8.69 -15.61
N TRP A 203 -2.86 9.73 -16.46
CA TRP A 203 -1.59 10.29 -16.90
C TRP A 203 -1.11 11.38 -15.93
N THR A 204 -1.95 12.41 -15.73
CA THR A 204 -1.67 13.53 -14.83
C THR A 204 -2.24 13.19 -13.46
N ARG A 205 -1.34 12.91 -12.49
CA ARG A 205 -1.67 12.52 -11.12
C ARG A 205 -0.43 12.57 -10.22
N PRO A 206 -0.57 12.73 -8.88
CA PRO A 206 0.61 12.67 -8.02
C PRO A 206 1.11 11.21 -7.93
N ILE A 207 2.40 10.97 -8.27
CA ILE A 207 2.99 9.62 -8.21
C ILE A 207 3.61 9.33 -6.85
N THR A 208 3.47 8.09 -6.36
CA THR A 208 4.03 7.68 -5.07
C THR A 208 5.55 7.53 -5.17
N GLY A 209 6.22 7.47 -4.01
CA GLY A 209 7.67 7.30 -3.92
C GLY A 209 8.16 5.99 -4.51
N ALA A 210 7.35 4.92 -4.36
CA ALA A 210 7.64 3.60 -4.91
C ALA A 210 7.53 3.66 -6.42
N GLU A 211 6.45 4.32 -6.94
CA GLU A 211 6.21 4.53 -8.37
C GLU A 211 7.33 5.35 -9.01
N GLU A 212 7.75 6.43 -8.33
CA GLU A 212 8.84 7.32 -8.75
C GLU A 212 10.13 6.50 -8.94
N GLY A 213 10.37 5.58 -8.01
CA GLY A 213 11.52 4.68 -8.06
C GLY A 213 11.38 3.62 -9.12
N LEU A 214 10.18 3.01 -9.23
CA LEU A 214 9.89 1.95 -10.20
C LEU A 214 10.01 2.43 -11.64
N PHE A 215 9.51 3.65 -11.94
CA PHE A 215 9.63 4.24 -13.28
C PHE A 215 11.10 4.52 -13.62
N ALA A 216 11.90 4.98 -12.62
CA ALA A 216 13.34 5.25 -12.75
C ALA A 216 14.13 3.97 -13.08
N PHE A 217 13.61 2.81 -12.60
CA PHE A 217 14.16 1.48 -12.85
C PHE A 217 13.86 1.08 -14.30
N ILE A 218 12.60 1.32 -14.74
CA ILE A 218 12.13 1.03 -16.10
C ILE A 218 12.91 1.86 -17.14
N THR A 219 13.21 3.13 -16.83
CA THR A 219 13.99 4.04 -17.69
C THR A 219 15.41 3.51 -17.86
N LEU A 220 16.10 3.18 -16.75
CA LEU A 220 17.46 2.67 -16.74
C LEU A 220 17.63 1.40 -17.56
N ASN A 221 16.75 0.41 -17.34
CA ASN A 221 16.80 -0.87 -18.03
C ASN A 221 16.39 -0.80 -19.50
N HIS A 222 15.51 0.16 -19.85
CA HIS A 222 15.07 0.36 -21.24
C HIS A 222 16.21 0.96 -22.07
N LEU A 223 16.77 2.10 -21.60
CA LEU A 223 17.85 2.82 -22.27
C LEU A 223 19.13 2.00 -22.40
N SER A 224 19.50 1.23 -21.35
CA SER A 224 20.70 0.38 -21.34
C SER A 224 20.50 -0.96 -22.08
N ARG A 225 19.30 -1.17 -22.66
CA ARG A 225 18.90 -2.35 -23.44
C ARG A 225 18.94 -3.67 -22.65
N ARG A 226 18.52 -3.62 -21.38
CA ARG A 226 18.45 -4.77 -20.46
C ARG A 226 17.01 -5.28 -20.41
N LEU A 227 16.04 -4.37 -20.62
CA LEU A 227 14.61 -4.66 -20.62
C LEU A 227 14.07 -4.64 -22.05
N GLY A 228 13.38 -5.71 -22.41
CA GLY A 228 12.79 -5.91 -23.73
C GLY A 228 12.03 -7.22 -23.83
N GLU A 229 11.08 -7.29 -24.77
CA GLU A 229 10.26 -8.48 -25.01
C GLU A 229 10.68 -9.23 -26.29
N ASP A 230 11.67 -8.70 -27.04
CA ASP A 230 12.18 -9.27 -28.29
C ASP A 230 13.27 -10.33 -28.04
N PRO A 231 13.63 -11.21 -29.02
CA PRO A 231 14.67 -12.23 -28.74
C PRO A 231 16.08 -11.69 -28.50
N ALA A 232 16.35 -10.43 -28.89
CA ALA A 232 17.65 -9.76 -28.70
C ALA A 232 17.94 -9.44 -27.24
N ARG A 233 16.89 -9.11 -26.46
CA ARG A 233 16.99 -8.75 -25.04
C ARG A 233 16.36 -9.76 -24.09
N SER A 234 15.52 -10.68 -24.62
CA SER A 234 14.85 -11.70 -23.82
C SER A 234 15.01 -13.11 -24.39
N MET A 235 14.66 -14.13 -23.59
CA MET A 235 14.78 -15.53 -23.97
C MET A 235 13.67 -16.36 -23.31
N ILE A 236 13.05 -17.25 -24.09
CA ILE A 236 12.01 -18.17 -23.63
C ILE A 236 12.66 -19.54 -23.36
N ASP A 237 12.62 -19.99 -22.10
CA ASP A 237 13.17 -21.28 -21.69
C ASP A 237 12.24 -22.43 -22.13
N GLU A 238 12.65 -23.70 -21.91
CA GLU A 238 11.86 -24.87 -22.31
C GLU A 238 10.50 -25.03 -21.61
N TYR A 239 10.20 -24.16 -20.62
CA TYR A 239 8.95 -24.19 -19.86
C TYR A 239 8.07 -22.96 -20.12
N GLY A 240 8.28 -22.31 -21.27
CA GLY A 240 7.53 -21.15 -21.74
C GLY A 240 7.58 -19.89 -20.91
N VAL A 241 8.67 -19.69 -20.15
CA VAL A 241 8.84 -18.50 -19.31
C VAL A 241 9.88 -17.56 -19.91
N LYS A 242 9.51 -16.28 -20.08
CA LYS A 242 10.42 -15.28 -20.65
C LYS A 242 11.32 -14.68 -19.59
N HIS A 243 12.63 -14.81 -19.83
CA HIS A 243 13.70 -14.29 -18.99
C HIS A 243 14.47 -13.27 -19.81
N SER A 244 15.05 -12.24 -19.17
CA SER A 244 15.86 -11.26 -19.88
C SER A 244 17.28 -11.83 -20.08
N ARG A 245 17.88 -11.61 -21.27
CA ARG A 245 19.22 -12.11 -21.61
C ARG A 245 20.31 -11.52 -20.70
N ASN A 246 20.16 -10.22 -20.34
CA ASN A 246 21.08 -9.52 -19.45
C ASN A 246 20.39 -9.24 -18.12
N ASP A 247 21.17 -9.21 -17.03
CA ASP A 247 20.68 -8.96 -15.67
C ASP A 247 20.08 -7.56 -15.57
N LEU A 248 18.88 -7.45 -14.95
CA LEU A 248 18.21 -6.16 -14.76
C LEU A 248 18.94 -5.39 -13.67
N ALA A 249 19.29 -4.13 -13.97
CA ALA A 249 20.04 -3.27 -13.05
C ALA A 249 19.14 -2.43 -12.17
N GLY A 250 19.58 -2.20 -10.94
CA GLY A 250 18.89 -1.37 -9.97
C GLY A 250 19.39 0.05 -9.99
N VAL A 251 18.63 0.97 -9.38
CA VAL A 251 18.96 2.40 -9.36
C VAL A 251 18.84 3.05 -7.96
N VAL A 252 19.69 4.06 -7.70
CA VAL A 252 19.70 4.90 -6.49
C VAL A 252 19.64 6.35 -7.00
N GLU A 253 18.47 6.99 -6.86
CA GLU A 253 18.26 8.37 -7.33
C GLU A 253 18.12 9.31 -6.14
N VAL A 254 19.01 10.32 -6.04
CA VAL A 254 19.01 11.29 -4.94
C VAL A 254 18.56 12.64 -5.50
N GLY A 255 17.27 12.94 -5.34
CA GLY A 255 16.66 14.17 -5.82
C GLY A 255 16.90 15.38 -4.95
N GLY A 256 15.96 16.31 -4.97
CA GLY A 256 16.01 17.52 -4.16
C GLY A 256 15.48 17.32 -2.75
N ALA A 257 14.35 16.58 -2.63
CA ALA A 257 13.69 16.31 -1.35
C ALA A 257 13.69 14.84 -0.92
N SER A 258 13.68 13.89 -1.88
CA SER A 258 13.66 12.45 -1.60
C SER A 258 14.70 11.64 -2.38
N ALA A 259 15.07 10.47 -1.81
CA ALA A 259 16.02 9.52 -2.40
C ALA A 259 15.32 8.18 -2.61
N GLN A 260 15.49 7.56 -3.78
CA GLN A 260 14.87 6.29 -4.14
C GLN A 260 15.90 5.17 -4.22
N ILE A 261 15.60 4.01 -3.60
CA ILE A 261 16.46 2.82 -3.64
C ILE A 261 15.66 1.71 -4.31
N VAL A 262 16.04 1.37 -5.55
CA VAL A 262 15.34 0.38 -6.38
C VAL A 262 16.29 -0.71 -6.86
N PHE A 263 15.87 -1.98 -6.76
CA PHE A 263 16.65 -3.14 -7.20
C PHE A 263 15.77 -4.38 -7.41
N PRO A 264 15.97 -5.15 -8.50
CA PRO A 264 15.16 -6.36 -8.68
C PRO A 264 15.69 -7.53 -7.86
N LEU A 265 14.81 -8.45 -7.43
CA LEU A 265 15.26 -9.61 -6.64
C LEU A 265 15.59 -10.78 -7.54
N GLN A 266 16.84 -11.27 -7.46
CA GLN A 266 17.32 -12.40 -8.26
C GLN A 266 16.75 -13.72 -7.77
N GLU A 267 16.30 -14.57 -8.71
CA GLU A 267 15.71 -15.91 -8.50
C GLU A 267 14.45 -15.94 -7.61
N GLY A 268 14.00 -14.76 -7.17
CA GLY A 268 12.86 -14.63 -6.28
C GLY A 268 13.23 -14.98 -4.86
N THR A 269 14.28 -14.29 -4.33
CA THR A 269 14.81 -14.49 -2.97
C THR A 269 13.73 -14.30 -1.91
N VAL A 270 13.66 -15.23 -0.94
CA VAL A 270 12.65 -15.23 0.12
C VAL A 270 12.81 -14.04 1.08
N LEU A 271 11.74 -13.24 1.18
CA LEU A 271 11.68 -12.02 1.98
C LEU A 271 10.75 -12.17 3.19
N PRO A 272 10.92 -11.35 4.27
CA PRO A 272 9.99 -11.44 5.40
C PRO A 272 8.59 -10.93 5.03
N SER A 273 7.58 -11.35 5.82
CA SER A 273 6.17 -11.00 5.62
C SER A 273 5.91 -9.48 5.65
N SER A 274 6.68 -8.75 6.49
CA SER A 274 6.59 -7.29 6.66
C SER A 274 7.12 -6.53 5.44
N VAL A 275 8.16 -7.09 4.79
CA VAL A 275 8.81 -6.52 3.60
C VAL A 275 7.94 -6.78 2.37
N ARG A 276 7.55 -5.69 1.67
CA ARG A 276 6.71 -5.76 0.48
C ARG A 276 7.45 -5.45 -0.83
N ALA A 277 7.58 -6.48 -1.69
CA ALA A 277 8.21 -6.40 -3.00
C ALA A 277 7.11 -6.27 -4.06
N VAL A 278 7.42 -5.59 -5.19
CA VAL A 278 6.44 -5.36 -6.24
C VAL A 278 6.77 -6.13 -7.52
N ASN A 279 5.85 -7.02 -7.94
CA ASN A 279 5.98 -7.78 -9.18
C ASN A 279 5.46 -6.86 -10.30
N LEU A 280 6.33 -6.55 -11.26
CA LEU A 280 6.04 -5.64 -12.38
C LEU A 280 4.82 -6.01 -13.22
N GLN A 281 4.57 -7.31 -13.42
CA GLN A 281 3.44 -7.80 -14.20
C GLN A 281 2.14 -7.83 -13.38
N ARG A 282 2.22 -8.36 -12.14
CA ARG A 282 1.11 -8.49 -11.19
C ARG A 282 0.54 -7.12 -10.77
N GLU A 283 1.40 -6.09 -10.61
CA GLU A 283 1.00 -4.75 -10.22
C GLU A 283 0.76 -3.82 -11.43
N ARG A 284 0.58 -4.43 -12.63
CA ARG A 284 0.29 -3.78 -13.92
C ARG A 284 1.26 -2.66 -14.35
N LEU A 285 2.55 -2.78 -13.99
CA LEU A 285 3.58 -1.80 -14.37
C LEU A 285 4.14 -2.07 -15.75
N LEU A 286 4.31 -3.35 -16.10
CA LEU A 286 4.81 -3.82 -17.39
C LEU A 286 3.87 -4.90 -17.94
N PRO A 287 3.71 -5.02 -19.28
CA PRO A 287 2.81 -6.05 -19.82
C PRO A 287 3.30 -7.48 -19.59
N GLU A 288 2.39 -8.47 -19.78
CA GLU A 288 2.68 -9.90 -19.61
C GLU A 288 3.75 -10.40 -20.58
N ARG A 289 3.81 -9.82 -21.79
CA ARG A 289 4.79 -10.16 -22.83
C ARG A 289 6.25 -9.83 -22.43
N TYR A 290 6.42 -8.93 -21.46
CA TYR A 290 7.73 -8.53 -20.93
C TYR A 290 8.22 -9.55 -19.87
N PRO A 291 9.56 -9.70 -19.66
CA PRO A 291 10.03 -10.68 -18.66
C PRO A 291 9.73 -10.19 -17.24
N SER A 292 9.20 -11.09 -16.40
CA SER A 292 8.81 -10.78 -15.03
C SER A 292 9.97 -10.58 -14.06
N ALA A 293 9.75 -9.77 -13.02
CA ALA A 293 10.71 -9.47 -11.96
C ALA A 293 10.01 -8.92 -10.70
N ASP A 294 10.43 -9.37 -9.51
CA ASP A 294 9.91 -8.89 -8.23
C ASP A 294 10.90 -7.83 -7.75
N VAL A 295 10.46 -6.57 -7.74
CA VAL A 295 11.30 -5.40 -7.47
C VAL A 295 11.00 -4.72 -6.13
N VAL A 296 12.07 -4.41 -5.36
CA VAL A 296 12.00 -3.70 -4.09
C VAL A 296 12.16 -2.22 -4.43
N SER A 297 11.11 -1.41 -4.21
CA SER A 297 11.14 0.01 -4.49
C SER A 297 10.73 0.83 -3.27
N VAL A 298 11.68 1.62 -2.75
CA VAL A 298 11.46 2.45 -1.57
C VAL A 298 12.01 3.88 -1.76
N SER A 299 11.24 4.87 -1.30
CA SER A 299 11.62 6.28 -1.34
C SER A 299 11.67 6.85 0.06
N PHE A 300 12.74 7.61 0.36
CA PHE A 300 12.92 8.22 1.66
C PHE A 300 12.86 9.74 1.60
N MET A 301 11.89 10.33 2.31
CA MET A 301 11.71 11.77 2.41
C MET A 301 12.80 12.31 3.34
N GLN A 302 13.15 13.61 3.16
CA GLN A 302 14.20 14.33 3.90
C GLN A 302 15.61 13.77 3.59
N LEU A 303 15.73 13.04 2.46
CA LEU A 303 16.99 12.43 2.01
C LEU A 303 17.56 13.05 0.73
N GLY A 304 16.74 13.82 0.02
CA GLY A 304 17.15 14.54 -1.18
C GLY A 304 18.10 15.66 -0.83
N MET A 305 18.89 16.11 -1.82
CA MET A 305 19.92 17.14 -1.71
C MET A 305 19.66 18.36 -0.80
N ALA A 306 18.49 19.01 -0.96
CA ALA A 306 18.11 20.19 -0.18
C ALA A 306 17.53 19.85 1.21
N SER A 307 16.58 18.90 1.26
CA SER A 307 15.92 18.47 2.49
C SER A 307 16.89 17.85 3.51
N SER A 308 17.90 17.08 3.03
CA SER A 308 18.92 16.47 3.88
C SER A 308 19.87 17.54 4.43
N ALA A 309 20.20 18.55 3.59
CA ALA A 309 21.09 19.67 3.93
C ALA A 309 20.56 20.50 5.10
N GLY A 310 19.24 20.75 5.13
CA GLY A 310 18.56 21.50 6.17
C GLY A 310 18.44 20.72 7.47
N LEU A 311 18.01 19.44 7.35
CA LEU A 311 17.84 18.51 8.47
C LEU A 311 19.17 18.20 9.19
N PHE A 312 20.26 18.03 8.42
CA PHE A 312 21.59 17.75 8.98
C PHE A 312 22.09 18.89 9.85
N LEU A 313 21.94 20.15 9.37
CA LEU A 313 22.34 21.36 10.10
C LEU A 313 21.54 21.52 11.39
N LYS A 314 20.23 21.17 11.35
CA LYS A 314 19.33 21.25 12.49
C LYS A 314 19.72 20.23 13.59
N GLU A 315 19.95 18.96 13.21
CA GLU A 315 20.31 17.89 14.15
C GLU A 315 21.75 17.95 14.67
N LEU A 316 22.72 18.32 13.82
CA LEU A 316 24.14 18.42 14.19
C LEU A 316 24.39 19.58 15.15
N CYS A 317 23.78 20.75 14.87
CA CYS A 317 23.93 21.96 15.68
C CYS A 317 22.95 22.06 16.86
N SER A 318 22.33 20.93 17.21
CA SER A 318 21.44 20.78 18.37
C SER A 318 22.11 19.83 19.38
N ASN A 319 23.12 19.08 18.91
CA ASN A 319 23.93 18.14 19.69
C ASN A 319 25.01 18.93 20.43
N ASP A 320 25.13 18.70 21.75
CA ASP A 320 26.09 19.37 22.63
C ASP A 320 27.56 19.07 22.26
N GLU A 321 27.79 17.96 21.53
CA GLU A 321 29.12 17.54 21.05
C GLU A 321 29.63 18.48 19.94
N PHE A 322 28.72 19.13 19.20
CA PHE A 322 29.05 20.02 18.08
C PHE A 322 28.77 21.51 18.31
N LEU A 323 27.89 21.84 19.27
CA LEU A 323 27.56 23.22 19.59
C LEU A 323 28.18 23.69 20.92
N GLN A 324 29.08 24.68 20.83
CA GLN A 324 29.76 25.29 21.98
C GLN A 324 29.84 26.80 21.79
N GLY A 325 29.25 27.55 22.73
CA GLY A 325 29.23 29.01 22.75
C GLY A 325 28.78 29.70 21.47
N GLY A 326 27.70 29.20 20.87
CA GLY A 326 27.12 29.73 19.65
C GLY A 326 27.88 29.38 18.37
N ILE A 327 28.92 28.52 18.49
CA ILE A 327 29.76 28.08 17.39
C ILE A 327 29.54 26.58 17.11
N CYS A 328 28.86 26.26 16.00
CA CYS A 328 28.60 24.88 15.60
C CYS A 328 29.74 24.39 14.70
N SER A 329 30.45 23.35 15.15
CA SER A 329 31.55 22.75 14.39
C SER A 329 31.01 21.65 13.46
N ASN A 330 31.08 21.90 12.14
CA ASN A 330 30.58 20.96 11.14
C ASN A 330 31.72 20.14 10.51
N PRO A 331 31.70 18.80 10.66
CA PRO A 331 32.76 17.98 10.05
C PRO A 331 32.66 17.82 8.53
N CYS A 332 31.47 18.09 7.97
CA CYS A 332 31.19 17.98 6.52
C CYS A 332 31.59 19.25 5.74
N LEU A 333 32.01 20.30 6.45
CA LEU A 333 32.45 21.56 5.84
C LEU A 333 33.97 21.68 5.98
N PHE A 334 34.62 22.19 4.93
CA PHE A 334 36.07 22.38 4.84
C PHE A 334 36.65 23.33 5.90
N LYS A 335 37.95 23.14 6.23
CA LYS A 335 38.70 23.95 7.19
C LYS A 335 38.81 25.38 6.68
N GLY A 336 38.43 26.33 7.53
CA GLY A 336 38.45 27.75 7.21
C GLY A 336 37.13 28.32 6.72
N PHE A 337 36.19 27.43 6.30
CA PHE A 337 34.86 27.84 5.83
C PHE A 337 34.01 28.31 7.00
N GLN A 338 33.32 29.44 6.80
CA GLN A 338 32.49 30.09 7.82
C GLN A 338 31.16 30.54 7.21
N GLN A 339 30.05 30.28 7.92
CA GLN A 339 28.71 30.69 7.52
C GLN A 339 27.80 30.94 8.74
N SER A 340 26.67 31.66 8.51
CA SER A 340 25.69 31.97 9.55
C SER A 340 24.94 30.69 9.95
N CYS A 341 24.43 30.63 11.19
CA CYS A 341 23.71 29.46 11.69
C CYS A 341 22.24 29.40 11.30
N SER A 342 22.02 29.06 10.01
CA SER A 342 20.71 28.94 9.38
C SER A 342 20.73 27.81 8.34
N ALA A 343 19.52 27.35 7.94
CA ALA A 343 19.34 26.31 6.93
C ALA A 343 19.08 26.92 5.55
N GLY A 344 19.02 28.27 5.50
CA GLY A 344 18.80 29.04 4.28
C GLY A 344 19.87 28.86 3.24
N GLU A 345 19.48 28.99 1.95
CA GLU A 345 20.36 28.83 0.77
C GLU A 345 21.68 29.58 0.93
N VAL A 346 22.80 28.86 0.77
CA VAL A 346 24.15 29.39 0.91
C VAL A 346 24.73 29.75 -0.46
N GLU A 347 25.18 31.00 -0.60
CA GLU A 347 25.80 31.52 -1.82
C GLU A 347 27.26 31.85 -1.50
N VAL A 348 28.21 31.16 -2.16
CA VAL A 348 29.64 31.40 -1.95
C VAL A 348 30.03 32.59 -2.82
N ARG A 349 30.27 33.73 -2.17
CA ARG A 349 30.62 35.00 -2.79
C ARG A 349 32.10 35.03 -3.25
N PRO A 350 32.45 35.85 -4.29
CA PRO A 350 33.85 35.89 -4.77
C PRO A 350 34.93 36.23 -3.75
N ASP A 351 34.56 36.92 -2.64
CA ASP A 351 35.50 37.30 -1.58
C ASP A 351 35.71 36.22 -0.50
N GLY A 352 35.25 35.00 -0.77
CA GLY A 352 35.37 33.85 0.12
C GLY A 352 34.25 33.67 1.12
N SER A 353 33.48 34.75 1.37
CA SER A 353 32.37 34.79 2.32
C SER A 353 31.18 33.93 1.86
N ALA A 354 30.37 33.46 2.82
CA ALA A 354 29.18 32.66 2.55
C ALA A 354 27.92 33.44 2.92
N SER A 355 27.17 33.86 1.88
CA SER A 355 25.92 34.61 2.03
C SER A 355 24.76 33.64 2.27
N VAL A 356 24.14 33.72 3.45
CA VAL A 356 23.04 32.84 3.83
C VAL A 356 21.72 33.64 3.79
N ASN A 357 20.92 33.40 2.72
CA ASN A 357 19.63 34.04 2.51
C ASN A 357 18.64 33.55 3.55
N GLU A 358 18.17 34.46 4.41
CA GLU A 358 17.21 34.16 5.48
C GLU A 358 15.73 34.26 5.07
N ASP A 359 15.45 34.16 3.77
CA ASP A 359 14.09 34.18 3.24
C ASP A 359 13.43 32.83 3.57
N VAL A 360 12.19 32.86 4.09
CA VAL A 360 11.42 31.66 4.48
C VAL A 360 11.27 30.64 3.35
N ARG A 361 10.96 31.12 2.13
CA ARG A 361 10.79 30.31 0.92
C ARG A 361 12.10 29.59 0.53
N LYS A 362 13.23 30.32 0.62
CA LYS A 362 14.58 29.83 0.29
C LYS A 362 15.24 29.01 1.41
N ASN A 363 14.64 28.98 2.63
CA ASN A 363 15.15 28.20 3.76
C ASN A 363 14.93 26.69 3.48
N ARG A 364 16.00 25.89 3.55
CA ARG A 364 15.96 24.46 3.25
C ARG A 364 15.14 23.62 4.26
N LEU A 365 14.98 24.13 5.49
CA LEU A 365 14.20 23.47 6.53
C LEU A 365 12.69 23.66 6.35
N LYS A 366 12.26 24.72 5.61
CA LYS A 366 10.86 25.07 5.37
C LYS A 366 9.89 23.91 5.11
N PRO A 367 10.10 23.01 4.10
CA PRO A 367 9.14 21.90 3.89
C PRO A 367 8.94 20.99 5.10
N LEU A 368 10.03 20.72 5.85
CA LEU A 368 10.01 19.90 7.06
C LEU A 368 9.30 20.60 8.22
N ALA A 369 9.56 21.92 8.42
CA ALA A 369 8.94 22.75 9.46
C ALA A 369 7.46 23.00 9.19
N THR A 370 7.05 23.05 7.90
CA THR A 370 5.65 23.24 7.49
C THR A 370 4.86 21.95 7.77
N TYR A 371 5.50 20.78 7.57
CA TYR A 371 4.89 19.47 7.83
C TYR A 371 4.79 19.25 9.34
N CYS A 372 5.85 19.61 10.09
CA CYS A 372 5.94 19.49 11.54
C CYS A 372 5.24 20.65 12.26
N SER A 373 3.91 20.70 12.15
CA SER A 373 3.07 21.73 12.76
C SER A 373 1.90 21.07 13.50
N VAL A 374 1.66 21.50 14.75
CA VAL A 374 0.55 20.99 15.59
C VAL A 374 -0.83 21.27 14.96
N HIS A 375 -0.88 22.16 13.96
CA HIS A 375 -2.09 22.54 13.24
C HIS A 375 -2.38 21.63 12.05
N ASN A 376 -1.37 20.81 11.66
CA ASN A 376 -1.47 19.82 10.59
C ASN A 376 -2.10 18.56 11.21
N PRO A 377 -3.22 18.02 10.66
CA PRO A 377 -3.85 16.83 11.28
C PRO A 377 -2.95 15.59 11.44
N GLU A 378 -1.87 15.48 10.64
CA GLU A 378 -0.92 14.38 10.70
C GLU A 378 -0.06 14.43 11.97
N ILE A 379 -0.07 15.57 12.70
CA ILE A 379 0.69 15.77 13.94
C ILE A 379 -0.23 15.81 15.16
N SER A 380 -1.32 16.61 15.10
CA SER A 380 -2.30 16.78 16.18
C SER A 380 -3.01 15.49 16.58
N PHE A 381 -3.31 14.62 15.61
CA PHE A 381 -3.99 13.35 15.85
C PHE A 381 -3.05 12.14 15.95
N LYS A 382 -1.85 12.23 15.33
CA LYS A 382 -0.86 11.16 15.30
C LYS A 382 0.38 11.52 16.12
N VAL A 383 0.46 10.96 17.34
CA VAL A 383 1.54 11.15 18.32
C VAL A 383 2.90 10.69 17.75
N THR A 384 2.90 9.58 16.98
CA THR A 384 4.09 8.99 16.36
C THR A 384 4.82 10.01 15.48
N ASN A 385 4.05 10.78 14.66
CA ASN A 385 4.60 11.81 13.76
C ASN A 385 5.14 13.01 14.53
N GLU A 386 4.55 13.32 15.70
CA GLU A 386 4.96 14.41 16.58
C GLU A 386 6.35 14.07 17.17
N MET A 387 6.52 12.84 17.67
CA MET A 387 7.79 12.35 18.23
C MET A 387 8.90 12.24 17.17
N GLN A 388 8.52 12.02 15.89
CA GLN A 388 9.45 11.95 14.75
C GLN A 388 10.04 13.34 14.51
N CYS A 389 9.20 14.40 14.62
CA CYS A 389 9.60 15.79 14.45
C CYS A 389 10.52 16.24 15.59
N ARG A 390 10.06 16.03 16.85
CA ARG A 390 10.76 16.39 18.09
C ARG A 390 12.16 15.78 18.20
N GLU A 391 12.34 14.53 17.72
CA GLU A 391 13.64 13.84 17.72
C GLU A 391 14.62 14.46 16.70
N ASN A 392 14.08 15.14 15.67
CA ASN A 392 14.86 15.84 14.65
C ASN A 392 14.94 17.34 14.96
N SER A 393 14.71 17.69 16.26
CA SER A 393 14.72 19.03 16.87
C SER A 393 13.59 20.00 16.52
N ILE A 394 12.67 19.61 15.61
CA ILE A 394 11.54 20.46 15.23
C ILE A 394 10.41 20.32 16.27
N ASP A 395 10.11 21.42 16.99
CA ASP A 395 9.03 21.48 17.98
C ASP A 395 7.75 21.89 17.22
N PRO A 396 6.77 20.98 17.01
CA PRO A 396 5.57 21.37 16.24
C PRO A 396 4.67 22.43 16.88
N THR A 397 4.77 22.62 18.22
CA THR A 397 4.02 23.59 19.01
C THR A 397 4.50 25.02 18.70
N LYS A 398 5.84 25.18 18.55
CA LYS A 398 6.51 26.46 18.28
C LYS A 398 6.13 27.09 16.92
N PRO A 399 6.24 28.44 16.74
CA PRO A 399 5.91 29.03 15.43
C PRO A 399 6.93 28.67 14.34
N LEU A 400 6.54 28.80 13.06
CA LEU A 400 7.34 28.46 11.88
C LEU A 400 8.80 28.96 11.95
N ALA A 401 9.00 30.25 12.27
CA ALA A 401 10.33 30.87 12.37
C ALA A 401 11.20 30.20 13.44
N GLU A 402 10.61 29.87 14.61
CA GLU A 402 11.27 29.22 15.75
C GLU A 402 11.64 27.75 15.43
N ARG A 403 10.88 27.10 14.53
CA ARG A 403 11.10 25.71 14.10
C ARG A 403 12.33 25.61 13.21
N MET A 404 12.46 26.52 12.23
CA MET A 404 13.58 26.58 11.27
C MET A 404 14.86 27.14 11.91
N LYS A 405 14.72 27.89 13.02
CA LYS A 405 15.83 28.50 13.74
C LYS A 405 16.64 27.48 14.52
N ILE A 406 17.98 27.53 14.36
CA ILE A 406 18.91 26.67 15.08
C ILE A 406 19.18 27.43 16.39
N GLU A 407 18.47 27.03 17.47
CA GLU A 407 18.53 27.66 18.79
C GLU A 407 19.92 27.70 19.42
N ASN A 408 20.27 28.85 20.04
CA ASN A 408 21.54 29.14 20.71
C ASN A 408 22.78 28.91 19.82
N CYS A 409 22.64 29.27 18.53
CA CYS A 409 23.69 29.12 17.54
C CYS A 409 23.80 30.38 16.67
N SER A 410 25.04 30.85 16.44
CA SER A 410 25.31 32.07 15.67
C SER A 410 26.07 31.81 14.37
N ILE A 411 27.19 31.06 14.45
CA ILE A 411 28.07 30.80 13.32
C ILE A 411 28.45 29.31 13.20
N ILE A 412 28.41 28.76 11.96
CA ILE A 412 28.80 27.38 11.65
C ILE A 412 30.23 27.41 11.11
N GLU A 413 31.16 26.70 11.79
CA GLU A 413 32.57 26.61 11.42
C GLU A 413 32.89 25.20 10.89
N GLY A 414 33.70 25.13 9.84
CA GLY A 414 34.09 23.88 9.21
C GLY A 414 35.32 23.24 9.82
N THR A 415 35.18 22.00 10.32
CA THR A 415 36.29 21.24 10.93
C THR A 415 37.03 20.32 9.94
N GLY A 416 36.35 19.93 8.87
CA GLY A 416 36.93 19.11 7.80
C GLY A 416 37.26 17.66 8.13
N ASN A 417 36.71 17.11 9.22
CA ASN A 417 36.94 15.70 9.58
C ASN A 417 35.94 14.85 8.82
N PHE A 418 36.42 14.01 7.88
CA PHE A 418 35.55 13.16 7.08
C PHE A 418 34.93 12.02 7.88
N ASP A 419 35.73 11.32 8.71
CA ASP A 419 35.27 10.20 9.55
C ASP A 419 34.15 10.61 10.52
N LYS A 420 34.23 11.84 11.07
CA LYS A 420 33.22 12.41 11.97
C LYS A 420 31.96 12.78 11.19
N CYS A 421 32.12 13.19 9.90
CA CYS A 421 31.04 13.56 9.00
C CYS A 421 30.23 12.31 8.61
N VAL A 422 30.92 11.17 8.32
CA VAL A 422 30.31 9.89 7.97
C VAL A 422 29.46 9.41 9.17
N SER A 423 30.06 9.43 10.38
CA SER A 423 29.44 9.04 11.64
C SER A 423 28.16 9.82 11.93
N GLN A 424 28.11 11.11 11.56
CA GLN A 424 26.94 11.97 11.77
C GLN A 424 25.86 11.81 10.70
N VAL A 425 26.25 11.64 9.42
CA VAL A 425 25.33 11.41 8.30
C VAL A 425 24.59 10.07 8.57
N GLU A 426 25.32 9.09 9.16
CA GLU A 426 24.82 7.77 9.53
C GLU A 426 23.73 7.85 10.61
N SER A 427 24.03 8.46 11.77
CA SER A 427 23.09 8.57 12.88
C SER A 427 21.88 9.48 12.61
N ILE A 428 22.05 10.52 11.76
CA ILE A 428 20.95 11.45 11.47
C ILE A 428 20.09 10.98 10.29
N LEU A 429 20.70 10.87 9.09
CA LEU A 429 20.03 10.58 7.83
C LEU A 429 19.87 9.10 7.43
N VAL A 430 20.96 8.32 7.50
CA VAL A 430 20.95 6.92 7.09
C VAL A 430 20.25 5.98 8.09
N ALA A 431 20.72 5.92 9.34
CA ALA A 431 20.15 5.05 10.37
C ALA A 431 19.71 5.79 11.65
N PRO A 432 18.60 6.59 11.61
CA PRO A 432 18.16 7.27 12.83
C PRO A 432 17.37 6.35 13.78
N LYS A 433 17.17 6.80 15.04
CA LYS A 433 16.41 6.09 16.07
C LYS A 433 14.96 5.91 15.59
N LEU A 434 14.27 7.02 15.30
CA LEU A 434 12.91 7.01 14.76
C LEU A 434 12.99 7.34 13.26
N PRO A 435 12.01 6.91 12.41
CA PRO A 435 12.08 7.25 10.98
C PRO A 435 11.98 8.76 10.72
N LEU A 436 12.57 9.26 9.62
CA LEU A 436 12.52 10.68 9.27
C LEU A 436 11.08 11.10 8.93
N PRO A 437 10.60 12.30 9.37
CA PRO A 437 9.20 12.68 9.11
C PRO A 437 8.72 12.57 7.67
N ALA A 438 7.40 12.26 7.52
CA ALA A 438 6.66 12.06 6.26
C ALA A 438 7.10 10.82 5.47
N ASN A 439 7.46 9.73 6.17
CA ASN A 439 7.90 8.48 5.55
C ASN A 439 7.03 7.26 5.87
N ILE A 440 5.68 7.44 5.87
CA ILE A 440 4.73 6.36 6.14
C ILE A 440 4.73 5.31 5.03
N GLU A 441 4.95 5.75 3.77
CA GLU A 441 5.03 4.87 2.59
C GLU A 441 6.19 3.90 2.71
N ALA A 442 7.38 4.40 3.07
CA ALA A 442 8.60 3.61 3.25
C ALA A 442 8.42 2.56 4.37
N ALA A 443 7.82 2.98 5.51
CA ALA A 443 7.56 2.13 6.69
C ALA A 443 6.55 1.02 6.38
N SER A 444 5.56 1.31 5.51
CA SER A 444 4.53 0.35 5.09
C SER A 444 5.11 -0.73 4.16
N SER A 445 6.26 -0.44 3.52
CA SER A 445 7.01 -1.34 2.63
C SER A 445 7.97 -2.22 3.47
N GLY A 446 8.07 -1.89 4.76
CA GLY A 446 8.92 -2.57 5.72
C GLY A 446 10.28 -1.94 5.96
N PHE A 447 10.46 -0.67 5.53
CA PHE A 447 11.73 0.04 5.68
C PHE A 447 11.58 1.38 6.39
N GLU A 448 11.93 1.43 7.68
CA GLU A 448 11.86 2.66 8.48
C GLU A 448 13.01 3.62 8.10
N SER A 449 14.16 3.06 7.68
CA SER A 449 15.35 3.83 7.28
C SER A 449 16.20 3.11 6.22
N VAL A 450 17.24 3.80 5.70
CA VAL A 450 18.16 3.36 4.66
C VAL A 450 18.92 2.07 5.05
N ASP A 451 19.35 1.95 6.33
CA ASP A 451 20.07 0.79 6.83
C ASP A 451 19.23 -0.48 6.79
N GLN A 452 17.90 -0.35 6.99
CA GLN A 452 16.93 -1.44 7.00
C GLN A 452 16.69 -2.04 5.61
N VAL A 453 16.92 -1.26 4.53
CA VAL A 453 16.74 -1.69 3.14
C VAL A 453 17.57 -2.93 2.81
N PHE A 454 18.91 -2.82 2.92
CA PHE A 454 19.86 -3.89 2.61
C PHE A 454 19.96 -4.98 3.70
N ARG A 455 19.41 -4.68 4.88
CA ARG A 455 19.36 -5.59 6.03
C ARG A 455 18.29 -6.65 5.79
N PHE A 456 17.10 -6.23 5.32
CA PHE A 456 15.95 -7.10 5.06
C PHE A 456 15.86 -7.60 3.62
N ALA A 457 16.34 -6.79 2.65
CA ALA A 457 16.31 -7.13 1.22
C ALA A 457 17.66 -6.86 0.57
N SER A 458 18.22 -7.86 -0.12
CA SER A 458 19.51 -7.73 -0.79
C SER A 458 19.47 -8.41 -2.16
N SER A 459 20.24 -7.87 -3.12
CA SER A 459 20.29 -8.40 -4.47
C SER A 459 21.68 -8.36 -5.09
N THR A 460 21.97 -9.35 -5.94
CA THR A 460 23.22 -9.48 -6.69
C THR A 460 23.15 -8.72 -8.03
N ALA A 461 22.15 -7.82 -8.18
CA ALA A 461 21.91 -7.01 -9.37
C ALA A 461 22.77 -5.74 -9.37
N PRO A 462 23.37 -5.34 -10.51
CA PRO A 462 24.22 -4.12 -10.52
C PRO A 462 23.44 -2.85 -10.22
N MET A 463 24.04 -1.94 -9.46
CA MET A 463 23.39 -0.68 -9.08
C MET A 463 23.91 0.51 -9.85
N PHE A 464 23.02 1.48 -10.13
CA PHE A 464 23.33 2.71 -10.83
C PHE A 464 23.01 3.90 -9.94
N ILE A 465 24.03 4.68 -9.60
CA ILE A 465 23.86 5.85 -8.74
C ILE A 465 23.59 7.06 -9.62
N THR A 466 22.43 7.70 -9.39
CA THR A 466 21.97 8.88 -10.13
C THR A 466 21.75 10.06 -9.18
N GLY A 467 22.14 11.25 -9.63
CA GLY A 467 22.04 12.49 -8.89
C GLY A 467 23.19 13.42 -9.20
N ARG A 468 22.88 14.73 -9.36
CA ARG A 468 23.85 15.78 -9.69
C ARG A 468 25.07 15.75 -8.75
N GLU A 469 24.83 15.86 -7.42
CA GLU A 469 25.86 15.85 -6.39
C GLU A 469 26.48 14.47 -6.17
N MET A 470 25.71 13.38 -6.39
CA MET A 470 26.17 12.00 -6.24
C MET A 470 27.29 11.72 -7.24
N LEU A 471 27.12 12.21 -8.48
CA LEU A 471 28.08 12.08 -9.56
C LEU A 471 29.28 12.99 -9.27
N ALA A 472 29.01 14.26 -8.92
CA ALA A 472 30.00 15.30 -8.60
C ALA A 472 31.01 14.83 -7.56
N SER A 473 30.53 14.14 -6.50
CA SER A 473 31.33 13.58 -5.41
C SER A 473 32.40 12.63 -5.94
N ILE A 474 32.04 11.75 -6.88
CA ILE A 474 32.93 10.78 -7.52
C ILE A 474 33.83 11.46 -8.55
N ASP A 475 33.26 12.31 -9.43
CA ASP A 475 34.01 13.02 -10.47
C ASP A 475 35.11 13.94 -9.93
N THR A 476 34.85 14.68 -8.82
CA THR A 476 35.82 15.58 -8.18
C THR A 476 37.07 14.81 -7.73
N LEU A 477 36.87 13.64 -7.11
CA LEU A 477 37.95 12.78 -6.64
C LEU A 477 38.72 12.16 -7.81
N LYS A 478 38.01 11.83 -8.91
CA LYS A 478 38.58 11.27 -10.13
C LYS A 478 39.44 12.31 -10.84
N ASP A 479 38.99 13.58 -10.85
CA ASP A 479 39.67 14.72 -11.47
C ASP A 479 41.00 15.06 -10.78
N HIS A 480 41.03 14.99 -9.43
CA HIS A 480 42.23 15.28 -8.64
C HIS A 480 43.17 14.07 -8.50
N ARG A 481 42.85 12.95 -9.21
CA ARG A 481 43.59 11.69 -9.20
C ARG A 481 43.60 10.98 -7.84
N LEU A 482 42.53 11.17 -7.05
CA LEU A 482 42.32 10.55 -5.74
C LEU A 482 41.63 9.18 -5.93
N LEU A 483 40.86 9.04 -7.03
CA LEU A 483 40.18 7.81 -7.42
C LEU A 483 40.54 7.44 -8.85
N ARG A 484 40.65 6.13 -9.12
CA ARG A 484 40.97 5.56 -10.44
C ARG A 484 39.90 5.88 -11.48
N SER A 485 40.30 5.96 -12.76
CA SER A 485 39.40 6.21 -13.90
C SER A 485 38.30 5.14 -13.90
N ASP A 486 38.72 3.87 -13.68
CA ASP A 486 37.85 2.72 -13.55
C ASP A 486 37.59 2.56 -12.05
N PHE A 487 36.36 2.89 -11.59
CA PHE A 487 36.00 2.78 -10.18
C PHE A 487 34.79 1.89 -10.00
N SER A 488 35.04 0.65 -9.54
CA SER A 488 34.04 -0.41 -9.32
C SER A 488 32.99 -0.06 -8.25
N GLY A 489 33.39 0.76 -7.27
CA GLY A 489 32.54 1.18 -6.17
C GLY A 489 33.01 0.64 -4.82
N ASP A 490 34.34 0.62 -4.61
CA ASP A 490 34.97 0.14 -3.38
C ASP A 490 34.80 1.17 -2.27
N VAL A 491 34.33 0.73 -1.09
CA VAL A 491 34.05 1.59 0.07
C VAL A 491 35.32 2.24 0.63
N GLU A 492 36.34 1.43 0.98
CA GLU A 492 37.62 1.87 1.56
C GLU A 492 38.40 2.78 0.60
N GLU A 493 38.32 2.51 -0.71
CA GLU A 493 39.00 3.25 -1.78
C GLU A 493 38.42 4.66 -1.86
N LEU A 494 37.08 4.78 -1.74
CA LEU A 494 36.34 6.03 -1.77
C LEU A 494 36.56 6.82 -0.48
N ALA A 495 36.46 6.14 0.68
CA ALA A 495 36.62 6.73 2.01
C ALA A 495 38.03 7.31 2.24
N GLU A 496 39.07 6.70 1.64
CA GLU A 496 40.45 7.16 1.75
C GLU A 496 40.65 8.43 0.90
N ALA A 497 40.10 8.42 -0.34
CA ALA A 497 40.17 9.52 -1.30
C ALA A 497 39.43 10.76 -0.80
N ALA A 498 38.22 10.57 -0.24
CA ALA A 498 37.38 11.64 0.30
C ALA A 498 37.94 12.21 1.60
N ARG A 499 38.58 11.36 2.45
CA ARG A 499 39.18 11.77 3.73
C ARG A 499 40.31 12.77 3.49
N GLU A 500 41.13 12.54 2.44
CA GLU A 500 42.23 13.41 2.07
C GLU A 500 41.69 14.71 1.45
N PHE A 501 40.56 14.63 0.72
CA PHE A 501 39.94 15.78 0.06
C PHE A 501 39.19 16.68 1.04
N CYS A 502 38.41 16.10 1.98
CA CYS A 502 37.64 16.87 2.95
C CYS A 502 38.49 17.52 4.03
N SER A 503 39.70 17.00 4.27
CA SER A 503 40.64 17.54 5.24
C SER A 503 41.68 18.45 4.54
N SER A 504 41.17 19.38 3.70
CA SER A 504 41.98 20.33 2.94
C SER A 504 41.55 21.78 3.23
N GLU A 505 42.55 22.67 3.48
CA GLU A 505 42.38 24.09 3.82
C GLU A 505 41.80 24.94 2.69
N VAL A 506 40.90 25.88 3.05
CA VAL A 506 40.28 26.85 2.13
C VAL A 506 41.12 28.13 2.22
N ILE A 507 41.69 28.56 1.08
CA ILE A 507 42.51 29.76 0.99
C ILE A 507 41.78 30.82 0.18
N ILE A 508 41.48 31.97 0.81
CA ILE A 508 40.83 33.09 0.14
C ILE A 508 41.93 33.88 -0.58
N ARG A 509 42.01 33.70 -1.90
CA ARG A 509 43.00 34.35 -2.75
C ARG A 509 42.32 35.37 -3.67
N THR A 510 43.09 36.01 -4.58
CA THR A 510 42.60 36.98 -5.56
C THR A 510 41.49 36.30 -6.37
N ASP A 511 41.79 35.12 -6.96
CA ASP A 511 40.87 34.32 -7.76
C ASP A 511 39.66 33.75 -7.00
N GLY A 512 39.51 34.16 -5.74
CA GLY A 512 38.42 33.74 -4.86
C GLY A 512 38.78 32.62 -3.90
N PRO A 513 37.77 31.92 -3.33
CA PRO A 513 38.08 30.82 -2.40
C PRO A 513 38.53 29.56 -3.13
N VAL A 514 39.73 29.03 -2.76
CA VAL A 514 40.33 27.86 -3.40
C VAL A 514 40.52 26.71 -2.40
N ILE A 515 40.20 25.47 -2.81
CA ILE A 515 40.35 24.24 -2.01
C ILE A 515 41.79 23.74 -2.24
N GLN A 516 42.68 23.99 -1.25
CA GLN A 516 44.10 23.63 -1.32
C GLN A 516 44.36 22.19 -0.90
N LEU A 517 44.75 21.35 -1.89
CA LEU A 517 45.08 19.93 -1.73
C LEU A 517 46.59 19.66 -1.97
N PRO A 518 47.23 18.72 -1.22
CA PRO A 518 48.66 18.46 -1.46
C PRO A 518 48.95 17.72 -2.75
N GLY A 522 46.84 19.24 -5.86
CA GLY A 522 46.14 20.14 -6.78
C GLY A 522 45.26 21.18 -6.10
N GLU A 523 44.46 21.91 -6.91
CA GLU A 523 43.56 22.95 -6.41
C GLU A 523 42.28 23.10 -7.22
N GLN A 524 41.17 23.41 -6.54
CA GLN A 524 39.85 23.61 -7.13
C GLN A 524 39.15 24.77 -6.41
N LYS A 525 38.40 25.59 -7.15
CA LYS A 525 37.69 26.72 -6.56
C LYS A 525 36.46 26.29 -5.77
N LEU A 526 36.20 27.00 -4.66
CA LEU A 526 35.05 26.78 -3.79
C LEU A 526 33.86 27.57 -4.32
N ASN A 527 32.71 26.91 -4.47
CA ASN A 527 31.47 27.49 -4.98
C ASN A 527 30.25 26.98 -4.22
N SER A 528 29.05 27.51 -4.54
CA SER A 528 27.78 27.17 -3.90
C SER A 528 27.33 25.70 -4.08
N LEU A 529 27.96 24.95 -5.02
CA LEU A 529 27.62 23.56 -5.31
C LEU A 529 28.55 22.54 -4.64
N ASN A 530 29.85 22.90 -4.46
CA ASN A 530 30.86 22.01 -3.89
C ASN A 530 31.24 22.23 -2.41
N PHE A 531 30.83 23.37 -1.81
CA PHE A 531 31.15 23.73 -0.42
C PHE A 531 30.76 22.66 0.62
N ASP A 532 29.62 21.98 0.39
CA ASP A 532 29.07 20.95 1.27
C ASP A 532 29.02 19.54 0.61
N LEU A 533 29.82 19.33 -0.46
CA LEU A 533 29.90 18.06 -1.19
C LEU A 533 30.40 16.89 -0.32
N CYS A 534 31.13 17.19 0.77
CA CYS A 534 31.65 16.20 1.72
C CYS A 534 30.55 15.47 2.50
N LYS A 535 29.36 16.09 2.63
CA LYS A 535 28.20 15.50 3.29
C LYS A 535 27.66 14.39 2.36
N THR A 536 27.66 14.67 1.03
CA THR A 536 27.23 13.75 -0.03
C THR A 536 28.26 12.63 -0.22
N MET A 537 29.57 12.96 -0.05
CA MET A 537 30.67 11.98 -0.14
C MET A 537 30.54 10.95 0.98
N ALA A 538 30.20 11.43 2.20
CA ALA A 538 29.95 10.61 3.40
C ALA A 538 28.69 9.77 3.22
N LEU A 539 27.65 10.34 2.57
CA LEU A 539 26.38 9.67 2.27
C LEU A 539 26.62 8.49 1.33
N THR A 540 27.50 8.66 0.32
CA THR A 540 27.87 7.62 -0.66
C THR A 540 28.65 6.50 0.04
N VAL A 541 29.53 6.84 1.00
CA VAL A 541 30.34 5.88 1.77
C VAL A 541 29.41 5.01 2.65
N SER A 542 28.49 5.66 3.40
CA SER A 542 27.52 5.00 4.28
C SER A 542 26.57 4.08 3.51
N LEU A 543 26.12 4.54 2.31
CA LEU A 543 25.23 3.82 1.41
C LEU A 543 25.91 2.56 0.88
N LEU A 544 27.17 2.68 0.43
CA LEU A 544 27.95 1.55 -0.08
C LEU A 544 28.34 0.57 1.02
N ARG A 545 28.46 1.06 2.28
CA ARG A 545 28.77 0.26 3.46
C ARG A 545 27.64 -0.73 3.76
N HIS A 546 26.38 -0.28 3.63
CA HIS A 546 25.20 -1.12 3.86
C HIS A 546 24.98 -2.11 2.72
N MET A 547 25.33 -1.73 1.47
CA MET A 547 25.23 -2.58 0.28
C MET A 547 26.22 -3.74 0.38
N ALA A 548 27.40 -3.47 0.98
CA ALA A 548 28.48 -4.44 1.21
C ALA A 548 28.21 -5.28 2.46
N ALA A 549 27.28 -4.82 3.33
CA ALA A 549 26.90 -5.51 4.56
C ALA A 549 25.79 -6.53 4.31
N GLY A 550 24.96 -6.29 3.28
CA GLY A 550 23.85 -7.15 2.89
C GLY A 550 24.29 -8.53 2.45
N GLU A 551 23.39 -9.53 2.64
CA GLU A 551 23.59 -10.95 2.30
C GLU A 551 24.02 -11.14 0.85
N ASN A 552 23.42 -10.36 -0.08
CA ASN A 552 23.71 -10.35 -1.50
C ASN A 552 24.33 -9.00 -1.85
N GLN A 553 25.46 -9.04 -2.58
CA GLN A 553 26.18 -7.84 -3.00
C GLN A 553 26.05 -7.58 -4.51
N PRO A 554 25.84 -6.31 -4.95
CA PRO A 554 25.75 -6.03 -6.39
C PRO A 554 27.00 -6.43 -7.16
N SER A 555 26.84 -6.87 -8.42
CA SER A 555 27.93 -7.29 -9.30
C SER A 555 28.92 -6.14 -9.56
N PHE A 556 28.39 -4.90 -9.72
CA PHE A 556 29.15 -3.67 -9.91
C PHE A 556 28.30 -2.45 -9.58
N ILE A 557 28.94 -1.36 -9.14
CA ILE A 557 28.27 -0.10 -8.84
C ILE A 557 28.77 0.93 -9.85
N LYS A 558 27.83 1.56 -10.59
CA LYS A 558 28.17 2.55 -11.62
C LYS A 558 27.52 3.91 -11.36
N TRP A 559 28.24 4.99 -11.68
CA TRP A 559 27.79 6.37 -11.51
C TRP A 559 27.56 6.96 -12.91
N GLU A 560 26.27 7.21 -13.27
CA GLU A 560 25.92 7.73 -14.60
C GLU A 560 24.93 8.89 -14.58
N LYS A 561 25.11 9.82 -15.54
CA LYS A 561 24.26 11.02 -15.73
C LYS A 561 23.14 10.66 -16.70
N SER A 562 23.51 10.14 -17.90
CA SER A 562 22.60 9.71 -18.97
C SER A 562 23.18 8.49 -19.70
N ILE A 563 22.30 7.67 -20.29
CA ILE A 563 22.67 6.45 -21.02
C ILE A 563 22.83 6.75 -22.51
N ALA A 564 23.99 6.37 -23.08
CA ALA A 564 24.31 6.55 -24.50
C ALA A 564 23.52 5.56 -25.36
N GLY A 565 22.87 6.08 -26.39
CA GLY A 565 22.06 5.30 -27.33
C GLY A 565 22.87 4.45 -28.29
N PRO A 566 22.21 3.76 -29.25
CA PRO A 566 22.96 2.91 -30.20
C PRO A 566 23.86 3.66 -31.18
N ASP A 567 23.49 4.90 -31.54
CA ASP A 567 24.26 5.76 -32.46
C ASP A 567 25.47 6.44 -31.80
N GLY A 568 25.52 6.44 -30.47
CA GLY A 568 26.58 7.07 -29.71
C GLY A 568 26.07 8.23 -28.88
N LYS A 569 25.06 8.95 -29.40
CA LYS A 569 24.41 10.07 -28.73
C LYS A 569 23.37 9.54 -27.73
N PRO A 570 23.18 10.19 -26.55
CA PRO A 570 22.19 9.69 -25.58
C PRO A 570 20.74 9.91 -26.03
N LEU A 571 19.89 8.87 -25.90
CA LEU A 571 18.47 8.92 -26.28
C LEU A 571 17.66 9.80 -25.34
N ALA A 572 17.80 9.58 -24.01
CA ALA A 572 17.10 10.32 -22.96
C ALA A 572 17.90 10.33 -21.65
N ASP A 573 17.50 11.21 -20.71
CA ASP A 573 18.13 11.34 -19.39
C ASP A 573 17.50 10.38 -18.40
N LEU A 574 18.30 9.93 -17.41
CA LEU A 574 17.87 9.02 -16.35
C LEU A 574 16.91 9.70 -15.38
N GLY A 575 15.87 8.97 -14.98
CA GLY A 575 14.83 9.44 -14.09
C GLY A 575 13.52 8.72 -14.33
N TRP A 576 12.43 9.19 -13.73
CA TRP A 576 11.12 8.55 -13.88
C TRP A 576 10.36 8.92 -15.18
N GLN A 577 10.86 9.91 -15.95
CA GLN A 577 10.24 10.43 -17.18
C GLN A 577 9.91 9.39 -18.27
N VAL A 578 10.89 8.61 -18.71
CA VAL A 578 10.71 7.57 -19.74
C VAL A 578 9.90 6.40 -19.18
N GLY A 579 10.12 6.08 -17.91
CA GLY A 579 9.43 5.01 -17.19
C GLY A 579 7.93 5.17 -17.15
N VAL A 580 7.45 6.42 -16.91
CA VAL A 580 6.02 6.73 -16.86
C VAL A 580 5.37 6.64 -18.26
N ILE A 581 6.16 6.93 -19.33
CA ILE A 581 5.71 6.84 -20.73
C ILE A 581 5.49 5.37 -21.07
N LEU A 582 6.54 4.54 -20.83
CA LEU A 582 6.53 3.09 -21.08
C LEU A 582 5.46 2.36 -20.27
N HIS A 583 5.12 2.89 -19.08
CA HIS A 583 4.08 2.34 -18.21
C HIS A 583 2.70 2.43 -18.88
N HIS A 584 2.50 3.44 -19.75
CA HIS A 584 1.25 3.64 -20.47
C HIS A 584 1.28 3.13 -21.90
N VAL A 585 2.34 3.49 -22.67
CA VAL A 585 2.50 3.13 -24.08
C VAL A 585 2.60 1.63 -24.37
N LEU A 586 3.26 0.86 -23.48
CA LEU A 586 3.46 -0.58 -23.66
C LEU A 586 2.19 -1.42 -23.56
N PHE A 587 1.12 -0.86 -22.98
CA PHE A 587 -0.17 -1.53 -22.91
C PHE A 587 -0.90 -1.07 -24.17
N THR A 588 -0.56 -1.73 -25.30
CA THR A 588 -1.01 -1.52 -26.68
C THR A 588 -2.49 -1.17 -26.84
N GLU A 589 -3.39 -2.03 -26.34
CA GLU A 589 -4.84 -1.83 -26.43
C GLU A 589 -5.31 -0.62 -25.64
N GLU A 590 -4.90 -0.53 -24.34
CA GLU A 590 -5.27 0.56 -23.44
C GLU A 590 -4.76 1.93 -23.89
N TRP A 591 -3.53 1.99 -24.47
CA TRP A 591 -2.91 3.22 -24.97
C TRP A 591 -3.65 3.73 -26.22
N GLY A 592 -3.98 2.81 -27.13
CA GLY A 592 -4.69 3.12 -28.37
C GLY A 592 -6.08 3.68 -28.12
N ARG A 593 -6.76 3.16 -27.08
CA ARG A 593 -8.11 3.60 -26.70
C ARG A 593 -8.13 4.98 -26.05
N THR A 594 -7.07 5.34 -25.31
CA THR A 594 -7.00 6.62 -24.60
C THR A 594 -6.29 7.71 -25.38
N ALA A 595 -5.16 7.38 -26.03
CA ALA A 595 -4.40 8.35 -26.81
C ALA A 595 -4.92 8.58 -28.22
N TYR A 596 -5.45 7.53 -28.88
CA TYR A 596 -5.93 7.64 -30.26
C TYR A 596 -7.45 7.62 -30.46
N GLU A 597 -8.17 6.66 -29.83
CA GLU A 597 -9.63 6.57 -29.94
C GLU A 597 -10.32 7.75 -29.26
N ALA A 598 -9.99 8.02 -27.97
CA ALA A 598 -10.54 9.15 -27.22
C ALA A 598 -9.82 10.43 -27.69
N GLY A 599 -8.50 10.47 -27.54
CA GLY A 599 -7.62 11.56 -27.95
C GLY A 599 -7.98 12.96 -27.46
N TYR A 600 -7.54 13.97 -28.21
CA TYR A 600 -7.80 15.40 -27.96
C TYR A 600 -9.26 15.71 -28.29
N SER A 601 -9.87 14.88 -29.15
CA SER A 601 -11.26 14.96 -29.61
C SER A 601 -12.24 14.78 -28.46
N HIS A 602 -11.81 14.13 -27.36
CA HIS A 602 -12.59 13.92 -26.14
C HIS A 602 -12.94 15.28 -25.49
N ASN A 603 -11.97 16.23 -25.53
CA ASN A 603 -12.09 17.58 -24.97
C ASN A 603 -13.12 18.48 -25.69
N LEU A 604 -13.47 18.15 -26.95
CA LEU A 604 -14.44 18.91 -27.77
C LEU A 604 -15.81 19.02 -27.11
N GLU A 605 -16.44 20.21 -27.22
CA GLU A 605 -17.76 20.53 -26.66
C GLU A 605 -18.88 19.92 -27.49
N ASP B 13 -53.78 -35.86 -41.38
CA ASP B 13 -53.46 -37.21 -40.93
C ASP B 13 -51.93 -37.39 -40.89
N THR B 14 -51.26 -37.31 -42.07
CA THR B 14 -49.81 -37.44 -42.21
C THR B 14 -49.08 -36.12 -41.93
N GLU B 15 -49.82 -35.00 -41.86
CA GLU B 15 -49.32 -33.66 -41.56
C GLU B 15 -48.71 -33.65 -40.14
N LYS B 16 -49.40 -34.29 -39.19
CA LYS B 16 -48.97 -34.41 -37.79
C LYS B 16 -47.83 -35.42 -37.66
N ARG B 17 -47.81 -36.44 -38.54
CA ARG B 17 -46.79 -37.50 -38.58
C ARG B 17 -45.41 -36.95 -39.00
N ILE B 18 -45.38 -36.09 -40.04
CA ILE B 18 -44.16 -35.45 -40.54
C ILE B 18 -43.67 -34.36 -39.58
N ASN B 19 -44.60 -33.78 -38.77
CA ASN B 19 -44.29 -32.74 -37.80
C ASN B 19 -43.48 -33.26 -36.60
N VAL B 20 -43.63 -34.55 -36.26
CA VAL B 20 -42.91 -35.21 -35.17
C VAL B 20 -41.40 -35.26 -35.51
N GLY B 21 -41.10 -35.66 -36.75
CA GLY B 21 -39.74 -35.72 -37.26
C GLY B 21 -39.13 -34.35 -37.46
N LYS B 22 -39.97 -33.35 -37.82
CA LYS B 22 -39.58 -31.96 -37.98
C LYS B 22 -39.17 -31.37 -36.61
N THR B 23 -39.95 -31.72 -35.56
CA THR B 23 -39.71 -31.32 -34.17
C THR B 23 -38.46 -32.02 -33.64
N HIS B 24 -38.25 -33.29 -34.04
CA HIS B 24 -37.08 -34.12 -33.67
C HIS B 24 -35.79 -33.41 -34.09
N LEU B 25 -35.76 -32.80 -35.29
CA LEU B 25 -34.59 -32.07 -35.78
C LEU B 25 -34.45 -30.72 -35.10
N GLN B 26 -35.58 -30.02 -34.85
CA GLN B 26 -35.62 -28.71 -34.19
C GLN B 26 -35.10 -28.82 -32.75
N THR B 27 -35.48 -29.88 -32.02
CA THR B 27 -35.05 -30.15 -30.65
C THR B 27 -33.53 -30.33 -30.63
N LEU B 28 -33.01 -31.15 -31.57
CA LEU B 28 -31.58 -31.42 -31.72
C LEU B 28 -30.81 -30.16 -32.15
N ARG B 29 -31.42 -29.33 -33.03
CA ARG B 29 -30.84 -28.07 -33.51
C ARG B 29 -30.79 -27.03 -32.38
N ASN B 30 -31.78 -27.07 -31.46
CA ASN B 30 -31.85 -26.18 -30.31
C ASN B 30 -30.73 -26.50 -29.33
N LEU B 31 -30.53 -27.81 -29.02
CA LEU B 31 -29.50 -28.33 -28.12
C LEU B 31 -28.09 -27.80 -28.48
N GLU B 32 -27.73 -27.84 -29.77
CA GLU B 32 -26.42 -27.36 -30.23
C GLU B 32 -26.27 -25.83 -30.22
N THR B 33 -27.37 -25.10 -30.52
CA THR B 33 -27.38 -23.63 -30.56
C THR B 33 -27.51 -22.97 -29.18
N ARG B 34 -28.33 -23.55 -28.28
CA ARG B 34 -28.56 -23.04 -26.92
C ARG B 34 -27.37 -23.20 -26.00
N CYS B 35 -27.44 -22.56 -24.82
CA CYS B 35 -26.47 -22.65 -23.75
C CYS B 35 -26.83 -23.84 -22.87
N HIS B 36 -25.83 -24.44 -22.21
CA HIS B 36 -26.02 -25.57 -21.31
C HIS B 36 -25.49 -25.25 -19.92
N ASP B 37 -26.34 -25.47 -18.91
CA ASP B 37 -26.00 -25.21 -17.51
C ASP B 37 -25.53 -26.46 -16.79
N SER B 38 -24.40 -26.33 -16.08
CA SER B 38 -23.76 -27.40 -15.31
C SER B 38 -23.39 -26.86 -13.91
N LEU B 39 -23.49 -27.72 -12.89
CA LEU B 39 -23.18 -27.34 -11.52
C LEU B 39 -21.68 -27.47 -11.22
N GLN B 40 -21.10 -26.47 -10.54
CA GLN B 40 -19.69 -26.45 -10.15
C GLN B 40 -19.53 -26.09 -8.68
N ALA B 41 -18.59 -26.76 -7.99
CA ALA B 41 -18.29 -26.49 -6.59
C ALA B 41 -17.13 -25.52 -6.46
N LEU B 42 -17.21 -24.61 -5.49
CA LEU B 42 -16.17 -23.62 -5.20
C LEU B 42 -15.81 -23.72 -3.73
N VAL B 43 -14.50 -23.72 -3.42
CA VAL B 43 -14.01 -23.86 -2.05
C VAL B 43 -13.19 -22.65 -1.62
N VAL B 44 -13.56 -22.06 -0.47
CA VAL B 44 -12.87 -20.94 0.17
C VAL B 44 -12.44 -21.40 1.55
N ILE B 45 -11.14 -21.52 1.78
CA ILE B 45 -10.65 -21.94 3.09
C ILE B 45 -10.27 -20.72 3.92
N ASP B 46 -11.07 -20.46 4.96
CA ASP B 46 -10.83 -19.36 5.87
C ASP B 46 -9.74 -19.78 6.85
N ALA B 47 -8.50 -19.35 6.56
CA ALA B 47 -7.34 -19.62 7.40
C ALA B 47 -7.16 -18.43 8.34
N GLY B 48 -8.11 -18.28 9.26
CA GLY B 48 -8.16 -17.19 10.21
C GLY B 48 -7.26 -17.35 11.40
N SER B 49 -7.45 -16.47 12.39
CA SER B 49 -6.69 -16.45 13.64
C SER B 49 -7.04 -17.63 14.54
N SER B 50 -8.33 -17.76 14.88
CA SER B 50 -8.88 -18.79 15.77
C SER B 50 -8.74 -20.21 15.23
N SER B 51 -8.98 -20.39 13.92
CA SER B 51 -8.96 -21.72 13.27
C SER B 51 -8.82 -21.64 11.75
N THR B 52 -8.63 -22.81 11.11
CA THR B 52 -8.57 -22.99 9.65
C THR B 52 -9.76 -23.89 9.28
N ARG B 53 -10.75 -23.33 8.55
CA ARG B 53 -11.98 -24.02 8.14
C ARG B 53 -12.31 -23.90 6.66
N THR B 54 -12.93 -24.95 6.10
CA THR B 54 -13.37 -24.95 4.70
C THR B 54 -14.79 -24.40 4.58
N ASN B 55 -15.10 -23.78 3.43
CA ASN B 55 -16.42 -23.25 3.10
C ASN B 55 -16.75 -23.73 1.72
N VAL B 56 -17.68 -24.70 1.63
CA VAL B 56 -18.08 -25.30 0.36
C VAL B 56 -19.26 -24.53 -0.22
N PHE B 57 -19.06 -24.03 -1.45
CA PHE B 57 -20.06 -23.28 -2.22
C PHE B 57 -20.45 -24.03 -3.47
N LEU B 58 -21.62 -23.70 -4.03
CA LEU B 58 -22.13 -24.26 -5.28
C LEU B 58 -22.60 -23.13 -6.17
N ALA B 59 -22.19 -23.16 -7.43
CA ALA B 59 -22.55 -22.16 -8.42
C ALA B 59 -22.97 -22.81 -9.72
N LYS B 60 -23.81 -22.11 -10.49
CA LYS B 60 -24.30 -22.58 -11.77
C LYS B 60 -23.41 -22.00 -12.88
N THR B 61 -22.74 -22.88 -13.64
CA THR B 61 -21.90 -22.49 -14.77
C THR B 61 -22.76 -22.52 -16.03
N ARG B 62 -22.47 -21.62 -16.98
CA ARG B 62 -23.20 -21.58 -18.25
C ARG B 62 -22.21 -21.54 -19.40
N SER B 63 -22.23 -22.58 -20.26
CA SER B 63 -21.38 -22.65 -21.43
C SER B 63 -22.22 -22.38 -22.66
N CYS B 64 -21.81 -21.37 -23.45
CA CYS B 64 -22.51 -20.96 -24.67
C CYS B 64 -21.62 -21.06 -25.89
N PRO B 65 -22.14 -21.45 -27.08
CA PRO B 65 -21.29 -21.53 -28.29
C PRO B 65 -20.59 -20.20 -28.61
N ASN B 66 -19.26 -20.25 -28.83
CA ASN B 66 -18.37 -19.10 -29.11
C ASN B 66 -18.26 -18.10 -27.95
N LYS B 67 -18.94 -18.37 -26.81
CA LYS B 67 -18.94 -17.49 -25.63
C LYS B 67 -18.24 -18.10 -24.40
N GLY B 68 -17.85 -19.37 -24.51
CA GLY B 68 -17.16 -20.08 -23.43
C GLY B 68 -18.03 -20.39 -22.22
N ARG B 69 -17.38 -20.59 -21.05
CA ARG B 69 -18.04 -20.91 -19.78
C ARG B 69 -17.85 -19.81 -18.72
N SER B 70 -18.95 -19.43 -18.06
CA SER B 70 -18.96 -18.41 -17.02
C SER B 70 -19.85 -18.83 -15.83
N ILE B 71 -19.64 -18.19 -14.66
CA ILE B 71 -20.42 -18.45 -13.45
C ILE B 71 -21.48 -17.36 -13.26
N ASP B 72 -22.73 -17.76 -12.91
CA ASP B 72 -23.82 -16.85 -12.61
C ASP B 72 -23.55 -16.36 -11.17
N PRO B 73 -23.18 -15.07 -10.97
CA PRO B 73 -22.86 -14.59 -9.61
C PRO B 73 -23.98 -14.76 -8.59
N ASP B 74 -25.24 -14.58 -9.04
CA ASP B 74 -26.43 -14.70 -8.21
C ASP B 74 -26.74 -16.14 -7.80
N SER B 75 -26.19 -17.14 -8.52
CA SER B 75 -26.35 -18.56 -8.23
C SER B 75 -25.41 -19.09 -7.14
N ILE B 76 -24.41 -18.27 -6.72
CA ILE B 76 -23.42 -18.63 -5.69
C ILE B 76 -24.09 -18.77 -4.33
N GLN B 77 -24.10 -20.01 -3.79
CA GLN B 77 -24.69 -20.33 -2.50
C GLN B 77 -23.83 -21.25 -1.66
N LEU B 78 -23.73 -20.93 -0.35
CA LEU B 78 -22.98 -21.69 0.64
C LEU B 78 -23.78 -22.93 1.01
N ILE B 79 -23.14 -24.10 0.91
CA ILE B 79 -23.81 -25.34 1.32
C ILE B 79 -23.51 -25.67 2.76
N ARG B 80 -22.26 -25.42 3.23
CA ARG B 80 -21.80 -25.63 4.61
C ARG B 80 -20.40 -25.06 4.88
N GLU B 81 -20.21 -24.56 6.11
CA GLU B 81 -18.91 -24.12 6.63
C GLU B 81 -18.44 -25.30 7.48
N GLY B 82 -17.31 -25.88 7.10
CA GLY B 82 -16.73 -27.05 7.74
C GLY B 82 -16.22 -26.89 9.16
N LYS B 83 -15.66 -28.00 9.70
CA LYS B 83 -15.09 -28.09 11.06
C LYS B 83 -13.92 -27.12 11.24
N ARG B 84 -13.76 -26.61 12.48
CA ARG B 84 -12.71 -25.65 12.81
C ARG B 84 -11.41 -26.32 13.26
N PHE B 85 -10.50 -26.53 12.30
CA PHE B 85 -9.19 -27.18 12.51
C PHE B 85 -8.12 -26.17 12.94
N THR B 86 -6.94 -26.67 13.34
CA THR B 86 -5.80 -25.87 13.80
C THR B 86 -5.41 -24.72 12.87
N GLY B 87 -5.24 -23.53 13.45
CA GLY B 87 -4.85 -22.32 12.73
C GLY B 87 -3.43 -22.39 12.19
N LEU B 88 -3.15 -21.63 11.10
CA LEU B 88 -1.83 -21.61 10.46
C LEU B 88 -0.71 -21.14 11.41
N ARG B 89 -1.05 -20.26 12.38
CA ARG B 89 -0.12 -19.76 13.40
C ARG B 89 0.37 -20.92 14.27
N VAL B 90 -0.56 -21.81 14.73
CA VAL B 90 -0.27 -22.98 15.56
C VAL B 90 0.66 -23.96 14.82
N VAL B 91 0.37 -24.23 13.52
CA VAL B 91 1.14 -25.11 12.64
C VAL B 91 2.61 -24.63 12.56
N LEU B 92 2.81 -23.32 12.33
CA LEU B 92 4.12 -22.69 12.24
C LEU B 92 4.83 -22.60 13.59
N GLU B 93 4.07 -22.36 14.68
CA GLU B 93 4.62 -22.29 16.04
C GLU B 93 5.08 -23.65 16.54
N GLU B 94 4.36 -24.74 16.16
CA GLU B 94 4.68 -26.13 16.51
C GLU B 94 5.97 -26.56 15.80
N TRP B 95 6.14 -26.11 14.54
CA TRP B 95 7.30 -26.36 13.68
C TRP B 95 8.54 -25.68 14.30
N LEU B 96 8.39 -24.43 14.78
CA LEU B 96 9.46 -23.68 15.44
C LEU B 96 9.80 -24.30 16.81
N ASP B 97 8.78 -24.83 17.52
CA ASP B 97 8.96 -25.49 18.83
C ASP B 97 9.85 -26.74 18.71
N THR B 98 9.73 -27.47 17.58
CA THR B 98 10.49 -28.70 17.32
C THR B 98 11.74 -28.53 16.44
N TYR B 99 11.78 -27.50 15.56
CA TYR B 99 12.93 -27.29 14.67
C TYR B 99 13.81 -26.06 14.95
N ALA B 100 13.37 -25.18 15.85
CA ALA B 100 14.11 -24.00 16.29
C ALA B 100 14.24 -24.02 17.83
N GLY B 101 13.79 -25.12 18.44
CA GLY B 101 13.82 -25.33 19.88
C GLY B 101 12.66 -24.70 20.63
N LYS B 102 12.27 -25.31 21.76
CA LYS B 102 11.19 -24.84 22.63
C LYS B 102 11.55 -23.49 23.28
N ASP B 103 10.55 -22.60 23.45
CA ASP B 103 10.67 -21.25 24.01
C ASP B 103 11.58 -20.34 23.15
N TRP B 104 11.38 -20.42 21.82
CA TRP B 104 12.08 -19.65 20.80
C TRP B 104 11.66 -18.18 20.83
N GLU B 105 10.53 -17.89 21.52
CA GLU B 105 9.93 -16.57 21.70
C GLU B 105 10.77 -15.67 22.60
N SER B 106 11.55 -16.26 23.52
CA SER B 106 12.39 -15.54 24.48
C SER B 106 13.89 -15.58 24.11
N ARG B 107 14.25 -16.38 23.11
CA ARG B 107 15.64 -16.57 22.64
C ARG B 107 15.88 -15.99 21.24
N PRO B 108 17.11 -15.52 20.90
CA PRO B 108 17.36 -15.06 19.52
C PRO B 108 17.51 -16.25 18.59
N VAL B 109 16.68 -16.30 17.54
CA VAL B 109 16.62 -17.41 16.58
C VAL B 109 17.16 -16.98 15.19
N ASP B 110 18.08 -17.78 14.63
CA ASP B 110 18.66 -17.56 13.30
C ASP B 110 17.71 -18.16 12.25
N ALA B 111 17.02 -17.29 11.50
CA ALA B 111 16.05 -17.66 10.46
C ALA B 111 16.65 -18.45 9.29
N ARG B 112 17.91 -18.14 8.93
CA ARG B 112 18.67 -18.78 7.85
C ARG B 112 18.80 -20.29 8.09
N LEU B 113 19.05 -20.70 9.36
CA LEU B 113 19.19 -22.09 9.79
C LEU B 113 17.90 -22.91 9.64
N LEU B 114 16.72 -22.26 9.69
CA LEU B 114 15.42 -22.90 9.58
C LEU B 114 15.10 -23.43 8.16
N PHE B 115 15.87 -22.99 7.14
CA PHE B 115 15.69 -23.41 5.75
C PHE B 115 15.93 -24.91 5.52
N GLN B 116 16.74 -25.56 6.38
CA GLN B 116 17.02 -26.99 6.29
C GLN B 116 15.84 -27.84 6.81
N TYR B 117 14.82 -27.18 7.42
CA TYR B 117 13.63 -27.83 7.99
C TYR B 117 12.35 -27.58 7.19
N VAL B 118 12.48 -27.18 5.90
CA VAL B 118 11.36 -26.96 4.97
C VAL B 118 10.60 -28.28 4.68
N PRO B 119 11.25 -29.44 4.39
CA PRO B 119 10.48 -30.69 4.18
C PRO B 119 9.67 -31.11 5.41
N GLN B 120 10.15 -30.72 6.61
CA GLN B 120 9.50 -30.98 7.89
C GLN B 120 8.27 -30.10 8.07
N MET B 121 8.30 -28.88 7.49
CA MET B 121 7.18 -27.93 7.54
C MET B 121 6.07 -28.45 6.63
N HIS B 122 6.44 -29.11 5.52
CA HIS B 122 5.54 -29.71 4.53
C HIS B 122 4.68 -30.80 5.18
N GLU B 123 5.28 -31.62 6.07
CA GLU B 123 4.57 -32.69 6.80
C GLU B 123 3.56 -32.14 7.80
N GLY B 124 3.92 -31.03 8.45
CA GLY B 124 3.07 -30.34 9.41
C GLY B 124 1.84 -29.75 8.76
N ALA B 125 2.03 -29.17 7.55
CA ALA B 125 0.99 -28.58 6.72
C ALA B 125 0.14 -29.67 6.06
N LYS B 126 0.76 -30.83 5.71
CA LYS B 126 0.10 -31.98 5.07
C LYS B 126 -0.99 -32.54 5.98
N LYS B 127 -0.68 -32.65 7.29
CA LYS B 127 -1.57 -33.16 8.34
C LYS B 127 -2.85 -32.32 8.41
N LEU B 128 -2.72 -30.97 8.36
CA LEU B 128 -3.85 -30.03 8.38
C LEU B 128 -4.64 -30.08 7.07
N MET B 129 -3.91 -30.08 5.92
CA MET B 129 -4.53 -30.13 4.59
C MET B 129 -5.33 -31.41 4.33
N GLN B 130 -4.87 -32.55 4.87
CA GLN B 130 -5.56 -33.83 4.74
C GLN B 130 -6.90 -33.81 5.50
N LEU B 131 -6.94 -33.12 6.66
CA LEU B 131 -8.14 -32.96 7.48
C LEU B 131 -9.17 -32.09 6.73
N LEU B 132 -8.71 -30.93 6.19
CA LEU B 132 -9.53 -29.99 5.42
C LEU B 132 -10.08 -30.63 4.14
N GLU B 133 -9.25 -31.46 3.46
CA GLU B 133 -9.62 -32.18 2.24
C GLU B 133 -10.70 -33.22 2.56
N GLU B 134 -10.51 -34.01 3.64
CA GLU B 134 -11.44 -35.05 4.11
C GLU B 134 -12.80 -34.45 4.47
N ASP B 135 -12.79 -33.27 5.12
CA ASP B 135 -13.98 -32.54 5.56
C ASP B 135 -14.77 -31.99 4.36
N THR B 136 -14.06 -31.39 3.38
CA THR B 136 -14.63 -30.85 2.15
C THR B 136 -15.38 -31.93 1.36
N VAL B 137 -14.73 -33.11 1.18
CA VAL B 137 -15.28 -34.27 0.49
C VAL B 137 -16.52 -34.80 1.23
N ALA B 138 -16.48 -34.83 2.58
CA ALA B 138 -17.59 -35.26 3.44
C ALA B 138 -18.83 -34.38 3.26
N ILE B 139 -18.62 -33.05 3.07
CA ILE B 139 -19.68 -32.07 2.83
C ILE B 139 -20.31 -32.33 1.46
N LEU B 140 -19.46 -32.41 0.40
CA LEU B 140 -19.86 -32.65 -0.99
C LEU B 140 -20.64 -33.96 -1.15
N ASP B 141 -20.15 -35.05 -0.53
CA ASP B 141 -20.78 -36.38 -0.58
C ASP B 141 -22.16 -36.41 0.08
N SER B 142 -22.34 -35.64 1.17
CA SER B 142 -23.59 -35.57 1.93
C SER B 142 -24.65 -34.67 1.30
N GLN B 143 -24.25 -33.62 0.57
CA GLN B 143 -25.18 -32.66 -0.02
C GLN B 143 -25.51 -32.88 -1.50
N LEU B 144 -24.54 -33.38 -2.30
CA LEU B 144 -24.73 -33.61 -3.74
C LEU B 144 -25.31 -34.99 -4.05
N ASN B 145 -26.18 -35.05 -5.07
CA ASN B 145 -26.75 -36.29 -5.58
C ASN B 145 -25.80 -36.84 -6.65
N GLU B 146 -26.04 -38.08 -7.14
CA GLU B 146 -25.20 -38.70 -8.16
C GLU B 146 -25.05 -37.89 -9.45
N GLU B 147 -26.16 -37.29 -9.93
CA GLU B 147 -26.20 -36.43 -11.13
C GLU B 147 -25.37 -35.17 -10.91
N GLN B 148 -25.50 -34.58 -9.70
CA GLN B 148 -24.78 -33.37 -9.26
C GLN B 148 -23.28 -33.67 -9.07
N LYS B 149 -22.94 -34.85 -8.53
CA LYS B 149 -21.56 -35.30 -8.29
C LYS B 149 -20.76 -35.37 -9.58
N VAL B 150 -21.37 -35.87 -10.68
CA VAL B 150 -20.76 -36.02 -12.01
C VAL B 150 -20.35 -34.65 -12.60
N GLN B 151 -21.28 -33.67 -12.59
CA GLN B 151 -21.05 -32.30 -13.08
C GLN B 151 -19.97 -31.59 -12.26
N VAL B 152 -20.00 -31.77 -10.92
CA VAL B 152 -19.05 -31.18 -9.97
C VAL B 152 -17.64 -31.75 -10.17
N LYS B 153 -17.52 -33.09 -10.34
CA LYS B 153 -16.25 -33.78 -10.54
C LYS B 153 -15.60 -33.50 -11.89
N ALA B 154 -16.42 -33.37 -12.96
CA ALA B 154 -15.96 -33.10 -14.32
C ALA B 154 -15.37 -31.71 -14.53
N LEU B 155 -15.98 -30.67 -13.91
CA LEU B 155 -15.54 -29.28 -14.07
C LEU B 155 -14.30 -28.87 -13.26
N GLY B 156 -14.06 -29.55 -12.13
CA GLY B 156 -12.96 -29.24 -11.25
C GLY B 156 -13.40 -28.31 -10.14
N ILE B 157 -12.67 -28.32 -9.01
CA ILE B 157 -13.03 -27.50 -7.85
C ILE B 157 -11.96 -26.43 -7.51
N PRO B 158 -12.16 -25.16 -7.92
CA PRO B 158 -11.20 -24.10 -7.57
C PRO B 158 -11.16 -23.91 -6.06
N VAL B 159 -9.95 -23.94 -5.48
CA VAL B 159 -9.74 -23.78 -4.04
C VAL B 159 -9.03 -22.45 -3.77
N MET B 160 -9.59 -21.67 -2.84
CA MET B 160 -9.05 -20.36 -2.46
C MET B 160 -8.79 -20.31 -0.95
N LEU B 161 -7.54 -20.59 -0.54
CA LEU B 161 -7.15 -20.55 0.87
C LEU B 161 -6.51 -19.19 1.14
N CYS B 162 -7.14 -18.38 2.01
CA CYS B 162 -6.60 -17.06 2.32
C CYS B 162 -6.38 -16.86 3.79
N SER B 163 -5.17 -16.42 4.15
CA SER B 163 -4.81 -16.19 5.55
C SER B 163 -5.19 -14.77 5.95
N THR B 164 -5.60 -14.61 7.22
CA THR B 164 -5.99 -13.32 7.76
C THR B 164 -5.08 -12.88 8.92
N ALA B 165 -5.65 -12.31 9.99
CA ALA B 165 -4.93 -11.79 11.17
C ALA B 165 -4.03 -12.77 11.94
N GLY B 166 -4.28 -14.07 11.80
CA GLY B 166 -3.52 -15.14 12.45
C GLY B 166 -2.05 -15.11 12.11
N VAL B 167 -1.72 -15.09 10.81
CA VAL B 167 -0.32 -15.05 10.34
C VAL B 167 0.08 -13.71 9.68
N ARG B 168 -0.81 -12.69 9.76
CA ARG B 168 -0.60 -11.34 9.23
C ARG B 168 0.62 -10.67 9.88
N ASP B 169 0.79 -10.86 11.20
CA ASP B 169 1.89 -10.31 12.00
C ASP B 169 3.07 -11.29 12.15
N PHE B 170 3.01 -12.47 11.49
CA PHE B 170 4.05 -13.49 11.57
C PHE B 170 5.40 -13.01 11.06
N HIS B 171 6.40 -13.14 11.94
CA HIS B 171 7.79 -12.73 11.71
C HIS B 171 8.49 -13.59 10.65
N GLU B 172 9.54 -13.01 10.04
CA GLU B 172 10.41 -13.62 9.04
C GLU B 172 9.68 -14.15 7.77
N TRP B 173 10.34 -15.07 7.05
CA TRP B 173 9.91 -15.67 5.78
C TRP B 173 8.91 -16.83 5.88
N TYR B 174 8.84 -17.50 7.04
CA TYR B 174 8.03 -18.69 7.36
C TYR B 174 6.61 -18.76 6.78
N ARG B 175 5.83 -17.67 6.91
CA ARG B 175 4.44 -17.60 6.43
C ARG B 175 4.32 -17.82 4.91
N ASP B 176 5.15 -17.10 4.14
CA ASP B 176 5.18 -17.13 2.68
C ASP B 176 5.67 -18.47 2.13
N ALA B 177 6.63 -19.10 2.84
CA ALA B 177 7.18 -20.42 2.50
C ALA B 177 6.11 -21.49 2.71
N LEU B 178 5.27 -21.34 3.76
CA LEU B 178 4.17 -22.24 4.08
C LEU B 178 3.14 -22.21 2.95
N PHE B 179 2.83 -21.00 2.42
CA PHE B 179 1.88 -20.81 1.33
C PHE B 179 2.28 -21.49 0.02
N VAL B 180 3.60 -21.61 -0.25
CA VAL B 180 4.13 -22.29 -1.44
C VAL B 180 3.86 -23.79 -1.26
N LEU B 181 4.03 -24.30 -0.02
CA LEU B 181 3.79 -25.70 0.34
C LEU B 181 2.29 -26.04 0.35
N LEU B 182 1.45 -25.11 0.86
CA LEU B 182 -0.01 -25.28 0.95
C LEU B 182 -0.64 -25.46 -0.43
N ARG B 183 -0.17 -24.69 -1.42
CA ARG B 183 -0.66 -24.75 -2.81
C ARG B 183 -0.35 -26.09 -3.48
N HIS B 184 0.85 -26.66 -3.21
CA HIS B 184 1.26 -27.95 -3.75
C HIS B 184 0.39 -29.08 -3.17
N LEU B 185 0.00 -28.96 -1.88
CA LEU B 185 -0.85 -29.92 -1.18
C LEU B 185 -2.28 -29.91 -1.74
N ILE B 186 -2.80 -28.71 -2.12
CA ILE B 186 -4.13 -28.56 -2.71
C ILE B 186 -4.11 -29.15 -4.13
N ASN B 187 -3.10 -28.76 -4.94
CA ASN B 187 -2.90 -29.22 -6.32
C ASN B 187 -2.67 -30.73 -6.46
N ASN B 188 -2.36 -31.40 -5.34
CA ASN B 188 -2.15 -32.85 -5.30
C ASN B 188 -3.15 -33.53 -4.32
N PRO B 189 -4.46 -33.60 -4.67
CA PRO B 189 -5.42 -34.26 -3.77
C PRO B 189 -5.53 -35.76 -4.00
N SER B 190 -6.25 -36.46 -3.10
CA SER B 190 -6.48 -37.90 -3.18
C SER B 190 -7.29 -38.23 -4.44
N PRO B 191 -6.81 -39.08 -5.35
CA PRO B 191 -7.58 -39.39 -6.57
C PRO B 191 -8.80 -40.26 -6.32
N ALA B 192 -8.85 -40.94 -5.15
CA ALA B 192 -9.92 -41.83 -4.70
C ALA B 192 -11.31 -41.17 -4.65
N HIS B 193 -11.41 -39.94 -4.12
CA HIS B 193 -12.68 -39.22 -3.99
C HIS B 193 -13.31 -38.73 -5.29
N GLY B 194 -12.47 -38.47 -6.30
CA GLY B 194 -12.92 -38.01 -7.61
C GLY B 194 -13.04 -36.51 -7.78
N TYR B 195 -13.09 -35.76 -6.67
CA TYR B 195 -13.21 -34.30 -6.69
C TYR B 195 -11.86 -33.70 -7.09
N LYS B 196 -11.83 -32.98 -8.24
CA LYS B 196 -10.60 -32.40 -8.76
C LYS B 196 -10.28 -31.00 -8.24
N PHE B 197 -9.67 -30.93 -7.04
CA PHE B 197 -9.26 -29.69 -6.40
C PHE B 197 -7.97 -29.17 -7.02
N PHE B 198 -7.91 -27.85 -7.26
CA PHE B 198 -6.76 -27.17 -7.84
C PHE B 198 -6.67 -25.73 -7.36
N THR B 199 -5.46 -25.16 -7.34
CA THR B 199 -5.22 -23.78 -6.93
C THR B 199 -4.07 -23.09 -7.70
N ASN B 200 -3.89 -21.79 -7.45
CA ASN B 200 -2.85 -20.95 -8.05
C ASN B 200 -2.44 -19.83 -7.08
N PRO B 201 -1.26 -19.17 -7.24
CA PRO B 201 -0.88 -18.09 -6.30
C PRO B 201 -1.81 -16.87 -6.25
N PHE B 202 -2.79 -16.78 -7.17
CA PHE B 202 -3.76 -15.69 -7.23
C PHE B 202 -4.99 -16.00 -6.37
N TRP B 203 -5.34 -17.29 -6.23
CA TRP B 203 -6.47 -17.72 -5.42
C TRP B 203 -6.03 -17.98 -3.98
N THR B 204 -5.04 -18.87 -3.78
CA THR B 204 -4.48 -19.22 -2.48
C THR B 204 -3.30 -18.29 -2.20
N ARG B 205 -3.51 -17.36 -1.26
CA ARG B 205 -2.52 -16.35 -0.86
C ARG B 205 -2.94 -15.64 0.43
N PRO B 206 -2.00 -15.05 1.22
CA PRO B 206 -2.42 -14.28 2.40
C PRO B 206 -3.09 -12.98 1.96
N ILE B 207 -4.32 -12.72 2.40
CA ILE B 207 -5.05 -11.50 2.05
C ILE B 207 -4.80 -10.40 3.07
N THR B 208 -4.69 -9.13 2.61
CA THR B 208 -4.47 -7.98 3.50
C THR B 208 -5.75 -7.62 4.26
N GLY B 209 -5.60 -6.82 5.31
CA GLY B 209 -6.72 -6.35 6.14
C GLY B 209 -7.74 -5.53 5.37
N ALA B 210 -7.25 -4.72 4.40
CA ALA B 210 -8.10 -3.90 3.54
C ALA B 210 -8.87 -4.81 2.60
N GLU B 211 -8.18 -5.83 2.01
CA GLU B 211 -8.79 -6.83 1.11
C GLU B 211 -9.85 -7.64 1.85
N GLU B 212 -9.55 -8.07 3.10
CA GLU B 212 -10.46 -8.82 3.96
C GLU B 212 -11.76 -8.03 4.18
N GLY B 213 -11.61 -6.72 4.39
CA GLY B 213 -12.72 -5.80 4.56
C GLY B 213 -13.48 -5.55 3.27
N LEU B 214 -12.73 -5.32 2.16
CA LEU B 214 -13.30 -5.06 0.84
C LEU B 214 -14.13 -6.22 0.31
N PHE B 215 -13.66 -7.47 0.49
CA PHE B 215 -14.39 -8.67 0.08
C PHE B 215 -15.68 -8.82 0.90
N ALA B 216 -15.62 -8.49 2.22
CA ALA B 216 -16.76 -8.51 3.14
C ALA B 216 -17.85 -7.50 2.72
N PHE B 217 -17.43 -6.39 2.08
CA PHE B 217 -18.29 -5.34 1.55
C PHE B 217 -18.99 -5.87 0.29
N ILE B 218 -18.22 -6.55 -0.60
CA ILE B 218 -18.69 -7.15 -1.85
C ILE B 218 -19.74 -8.25 -1.56
N THR B 219 -19.52 -9.06 -0.51
CA THR B 219 -20.44 -10.12 -0.06
C THR B 219 -21.76 -9.52 0.38
N LEU B 220 -21.72 -8.52 1.28
CA LEU B 220 -22.89 -7.84 1.82
C LEU B 220 -23.78 -7.22 0.74
N ASN B 221 -23.17 -6.46 -0.18
CA ASN B 221 -23.89 -5.79 -1.27
C ASN B 221 -24.40 -6.73 -2.35
N HIS B 222 -23.72 -7.87 -2.56
CA HIS B 222 -24.14 -8.88 -3.54
C HIS B 222 -25.38 -9.61 -3.04
N LEU B 223 -25.31 -10.16 -1.80
CA LEU B 223 -26.39 -10.92 -1.17
C LEU B 223 -27.65 -10.09 -0.94
N SER B 224 -27.49 -8.81 -0.52
CA SER B 224 -28.61 -7.89 -0.25
C SER B 224 -29.18 -7.24 -1.54
N ARG B 225 -28.61 -7.62 -2.71
CA ARG B 225 -28.99 -7.16 -4.06
C ARG B 225 -28.86 -5.64 -4.27
N ARG B 226 -27.76 -5.07 -3.74
CA ARG B 226 -27.41 -3.66 -3.85
C ARG B 226 -26.35 -3.47 -4.96
N LEU B 227 -25.47 -4.48 -5.15
CA LEU B 227 -24.42 -4.47 -6.16
C LEU B 227 -24.75 -5.40 -7.34
N GLY B 228 -24.84 -4.82 -8.53
CA GLY B 228 -25.11 -5.55 -9.77
C GLY B 228 -24.83 -4.72 -11.00
N GLU B 229 -24.67 -5.38 -12.16
CA GLU B 229 -24.41 -4.71 -13.43
C GLU B 229 -25.64 -4.72 -14.36
N ASP B 230 -26.74 -5.39 -13.94
CA ASP B 230 -28.00 -5.51 -14.68
C ASP B 230 -28.92 -4.28 -14.48
N PRO B 231 -29.96 -4.03 -15.34
CA PRO B 231 -30.83 -2.85 -15.11
C PRO B 231 -31.67 -2.88 -13.84
N ALA B 232 -31.85 -4.07 -13.22
CA ALA B 232 -32.61 -4.25 -11.99
C ALA B 232 -31.93 -3.65 -10.77
N ARG B 233 -30.58 -3.69 -10.74
CA ARG B 233 -29.75 -3.19 -9.64
C ARG B 233 -28.89 -1.97 -10.00
N SER B 234 -28.75 -1.68 -11.30
CA SER B 234 -27.96 -0.54 -11.78
C SER B 234 -28.71 0.32 -12.80
N MET B 235 -28.18 1.52 -13.08
CA MET B 235 -28.77 2.49 -14.01
C MET B 235 -27.69 3.33 -14.71
N ILE B 236 -27.84 3.50 -16.03
CA ILE B 236 -26.92 4.28 -16.86
C ILE B 236 -27.52 5.68 -17.08
N ASP B 237 -26.81 6.73 -16.62
CA ASP B 237 -27.22 8.12 -16.80
C ASP B 237 -26.96 8.59 -18.23
N GLU B 238 -27.38 9.83 -18.58
CA GLU B 238 -27.20 10.38 -19.93
C GLU B 238 -25.76 10.58 -20.39
N TYR B 239 -24.79 10.36 -19.49
CA TYR B 239 -23.35 10.50 -19.77
C TYR B 239 -22.60 9.15 -19.73
N GLY B 240 -23.34 8.06 -19.94
CA GLY B 240 -22.81 6.70 -20.01
C GLY B 240 -22.14 6.14 -18.78
N VAL B 241 -22.50 6.66 -17.57
CA VAL B 241 -21.91 6.21 -16.31
C VAL B 241 -22.93 5.34 -15.55
N LYS B 242 -22.49 4.14 -15.15
CA LYS B 242 -23.36 3.22 -14.43
C LYS B 242 -23.34 3.50 -12.94
N HIS B 243 -24.53 3.74 -12.39
CA HIS B 243 -24.78 4.01 -10.97
C HIS B 243 -25.66 2.87 -10.45
N SER B 244 -25.53 2.50 -9.17
CA SER B 244 -26.38 1.47 -8.58
C SER B 244 -27.73 2.11 -8.19
N ARG B 245 -28.85 1.39 -8.43
CA ARG B 245 -30.20 1.86 -8.11
C ARG B 245 -30.40 2.07 -6.60
N ASN B 246 -29.82 1.20 -5.77
CA ASN B 246 -29.87 1.27 -4.31
C ASN B 246 -28.50 1.65 -3.76
N ASP B 247 -28.49 2.37 -2.62
CA ASP B 247 -27.28 2.81 -1.93
C ASP B 247 -26.46 1.61 -1.46
N LEU B 248 -25.13 1.64 -1.73
CA LEU B 248 -24.23 0.57 -1.31
C LEU B 248 -24.00 0.66 0.18
N ALA B 249 -24.18 -0.46 0.89
CA ALA B 249 -24.05 -0.53 2.34
C ALA B 249 -22.65 -0.90 2.79
N GLY B 250 -22.23 -0.32 3.91
CA GLY B 250 -20.95 -0.59 4.54
C GLY B 250 -21.04 -1.68 5.59
N VAL B 251 -19.88 -2.23 5.99
CA VAL B 251 -19.82 -3.33 6.97
C VAL B 251 -18.77 -3.11 8.08
N VAL B 252 -19.07 -3.64 9.29
CA VAL B 252 -18.19 -3.67 10.47
C VAL B 252 -18.12 -5.14 10.91
N GLU B 253 -16.98 -5.79 10.66
CA GLU B 253 -16.78 -7.21 10.99
C GLU B 253 -15.77 -7.36 12.12
N VAL B 254 -16.15 -8.09 13.18
CA VAL B 254 -15.25 -8.33 14.32
C VAL B 254 -14.96 -9.83 14.47
N GLY B 255 -13.75 -10.21 14.07
CA GLY B 255 -13.28 -11.60 14.11
C GLY B 255 -12.67 -12.01 15.42
N GLY B 256 -11.61 -12.83 15.33
CA GLY B 256 -10.86 -13.34 16.47
C GLY B 256 -9.70 -12.46 16.85
N ALA B 257 -8.94 -11.96 15.85
CA ALA B 257 -7.78 -11.09 16.09
C ALA B 257 -7.88 -9.69 15.47
N SER B 258 -8.77 -9.50 14.48
CA SER B 258 -8.94 -8.18 13.85
C SER B 258 -10.37 -7.77 13.57
N ALA B 259 -10.60 -6.44 13.50
CA ALA B 259 -11.89 -5.83 13.19
C ALA B 259 -11.76 -4.97 11.93
N GLN B 260 -12.71 -5.10 11.00
CA GLN B 260 -12.70 -4.34 9.75
C GLN B 260 -13.81 -3.30 9.73
N ILE B 261 -13.50 -2.07 9.28
CA ILE B 261 -14.45 -0.98 9.14
C ILE B 261 -14.45 -0.58 7.66
N VAL B 262 -15.55 -0.92 6.96
CA VAL B 262 -15.69 -0.69 5.52
C VAL B 262 -16.97 0.10 5.22
N PHE B 263 -16.86 1.12 4.35
CA PHE B 263 -17.97 1.96 3.92
C PHE B 263 -17.67 2.69 2.61
N PRO B 264 -18.63 2.78 1.66
CA PRO B 264 -18.36 3.51 0.42
C PRO B 264 -18.56 5.01 0.60
N LEU B 265 -17.81 5.82 -0.16
CA LEU B 265 -17.92 7.27 -0.08
C LEU B 265 -19.01 7.77 -1.03
N GLN B 266 -20.09 8.32 -0.45
CA GLN B 266 -21.22 8.86 -1.21
C GLN B 266 -20.94 10.30 -1.60
N GLU B 267 -21.34 10.69 -2.83
CA GLU B 267 -21.14 12.03 -3.44
C GLU B 267 -19.64 12.38 -3.59
N GLY B 268 -19.34 13.66 -3.75
CA GLY B 268 -17.98 14.16 -3.88
C GLY B 268 -17.36 14.47 -2.54
N THR B 269 -17.35 13.48 -1.62
CA THR B 269 -16.77 13.60 -0.28
C THR B 269 -15.25 13.67 -0.36
N VAL B 270 -14.73 14.90 -0.33
CA VAL B 270 -13.31 15.24 -0.40
C VAL B 270 -12.58 14.76 0.86
N LEU B 271 -11.52 13.96 0.67
CA LEU B 271 -10.72 13.38 1.74
C LEU B 271 -9.32 13.99 1.80
N PRO B 272 -8.63 13.94 2.98
CA PRO B 272 -7.25 14.46 3.04
C PRO B 272 -6.27 13.59 2.24
N SER B 273 -5.12 14.16 1.87
CA SER B 273 -4.06 13.50 1.09
C SER B 273 -3.51 12.24 1.77
N SER B 274 -3.44 12.25 3.13
CA SER B 274 -2.96 11.15 3.96
C SER B 274 -3.92 9.95 3.97
N VAL B 275 -5.22 10.24 3.90
CA VAL B 275 -6.31 9.25 3.90
C VAL B 275 -6.41 8.61 2.51
N ARG B 276 -6.27 7.28 2.44
CA ARG B 276 -6.31 6.52 1.19
C ARG B 276 -7.58 5.69 1.02
N ALA B 277 -8.40 6.08 0.04
CA ALA B 277 -9.65 5.40 -0.34
C ALA B 277 -9.37 4.51 -1.55
N VAL B 278 -10.11 3.41 -1.69
CA VAL B 278 -9.89 2.45 -2.78
C VAL B 278 -11.07 2.43 -3.76
N ASN B 279 -10.81 2.78 -5.04
CA ASN B 279 -11.81 2.72 -6.10
C ASN B 279 -11.80 1.28 -6.63
N LEU B 280 -12.94 0.58 -6.48
CA LEU B 280 -13.15 -0.82 -6.83
C LEU B 280 -12.76 -1.23 -8.25
N GLN B 281 -12.95 -0.33 -9.23
CA GLN B 281 -12.61 -0.58 -10.63
C GLN B 281 -11.14 -0.34 -10.91
N ARG B 282 -10.59 0.79 -10.41
CA ARG B 282 -9.19 1.19 -10.59
C ARG B 282 -8.20 0.21 -9.95
N GLU B 283 -8.56 -0.34 -8.78
CA GLU B 283 -7.74 -1.30 -8.05
C GLU B 283 -8.06 -2.77 -8.40
N ARG B 284 -8.75 -2.98 -9.56
CA ARG B 284 -9.14 -4.28 -10.14
C ARG B 284 -9.90 -5.24 -9.21
N LEU B 285 -10.74 -4.70 -8.29
CA LEU B 285 -11.55 -5.51 -7.37
C LEU B 285 -12.86 -5.97 -8.03
N LEU B 286 -13.46 -5.08 -8.84
CA LEU B 286 -14.70 -5.32 -9.57
C LEU B 286 -14.52 -4.93 -11.03
N PRO B 287 -15.19 -5.62 -12.00
CA PRO B 287 -15.02 -5.26 -13.41
C PRO B 287 -15.58 -3.87 -13.77
N GLU B 288 -15.19 -3.34 -14.95
CA GLU B 288 -15.61 -2.03 -15.45
C GLU B 288 -17.12 -1.95 -15.68
N ARG B 289 -17.76 -3.09 -16.05
CA ARG B 289 -19.19 -3.18 -16.28
C ARG B 289 -20.03 -2.95 -15.00
N TYR B 290 -19.41 -3.12 -13.82
CA TYR B 290 -20.05 -2.91 -12.52
C TYR B 290 -20.04 -1.42 -12.15
N PRO B 291 -20.99 -0.92 -11.30
CA PRO B 291 -20.99 0.51 -10.95
C PRO B 291 -19.83 0.84 -10.02
N SER B 292 -19.12 1.94 -10.32
CA SER B 292 -17.94 2.37 -9.57
C SER B 292 -18.27 2.98 -8.20
N ALA B 293 -17.32 2.85 -7.26
CA ALA B 293 -17.42 3.37 -5.89
C ALA B 293 -16.05 3.49 -5.26
N ASP B 294 -15.85 4.60 -4.52
CA ASP B 294 -14.64 4.88 -3.75
C ASP B 294 -14.92 4.38 -2.34
N VAL B 295 -14.19 3.33 -1.92
CA VAL B 295 -14.43 2.68 -0.63
C VAL B 295 -13.27 2.82 0.36
N VAL B 296 -13.59 3.19 1.61
CA VAL B 296 -12.64 3.29 2.72
C VAL B 296 -12.63 1.92 3.41
N SER B 297 -11.51 1.21 3.33
CA SER B 297 -11.38 -0.11 3.96
C SER B 297 -10.17 -0.18 4.87
N VAL B 298 -10.44 -0.36 6.17
CA VAL B 298 -9.41 -0.42 7.20
C VAL B 298 -9.63 -1.58 8.18
N SER B 299 -8.54 -2.29 8.53
CA SER B 299 -8.57 -3.39 9.49
C SER B 299 -7.66 -3.07 10.66
N PHE B 300 -8.15 -3.33 11.88
CA PHE B 300 -7.41 -3.07 13.10
C PHE B 300 -7.06 -4.34 13.84
N MET B 301 -5.75 -4.60 14.01
CA MET B 301 -5.23 -5.75 14.75
C MET B 301 -5.44 -5.48 16.24
N GLN B 302 -5.52 -6.56 17.04
CA GLN B 302 -5.75 -6.54 18.50
C GLN B 302 -7.18 -6.04 18.85
N LEU B 303 -8.09 -6.02 17.84
CA LEU B 303 -9.48 -5.57 17.98
C LEU B 303 -10.52 -6.70 17.89
N GLY B 304 -10.08 -7.87 17.41
CA GLY B 304 -10.91 -9.06 17.32
C GLY B 304 -11.19 -9.62 18.70
N MET B 305 -12.32 -10.32 18.87
CA MET B 305 -12.79 -10.90 20.15
C MET B 305 -11.71 -11.46 21.06
N ALA B 306 -10.93 -12.46 20.57
CA ALA B 306 -9.88 -13.13 21.33
C ALA B 306 -8.69 -12.23 21.70
N SER B 307 -8.16 -11.47 20.73
CA SER B 307 -7.01 -10.59 20.94
C SER B 307 -7.33 -9.36 21.80
N SER B 308 -8.54 -8.78 21.65
CA SER B 308 -8.98 -7.61 22.41
C SER B 308 -9.28 -7.97 23.86
N ALA B 309 -9.71 -9.23 24.11
CA ALA B 309 -10.01 -9.75 25.45
C ALA B 309 -8.73 -9.84 26.30
N GLY B 310 -7.64 -10.29 25.67
CA GLY B 310 -6.33 -10.42 26.30
C GLY B 310 -5.66 -9.09 26.57
N LEU B 311 -5.68 -8.18 25.56
CA LEU B 311 -5.11 -6.84 25.63
C LEU B 311 -5.80 -5.96 26.68
N PHE B 312 -7.15 -6.06 26.79
CA PHE B 312 -7.93 -5.28 27.75
C PHE B 312 -7.55 -5.64 29.19
N LEU B 313 -7.44 -6.96 29.49
CA LEU B 313 -7.06 -7.45 30.82
C LEU B 313 -5.65 -7.01 31.19
N LYS B 314 -4.73 -7.00 30.20
CA LYS B 314 -3.33 -6.57 30.39
C LYS B 314 -3.23 -5.08 30.73
N GLU B 315 -3.91 -4.21 29.96
CA GLU B 315 -3.89 -2.76 30.15
C GLU B 315 -4.70 -2.26 31.35
N LEU B 316 -5.88 -2.86 31.62
CA LEU B 316 -6.75 -2.47 32.74
C LEU B 316 -6.13 -2.84 34.09
N CYS B 317 -5.57 -4.06 34.19
CA CYS B 317 -4.95 -4.56 35.41
C CYS B 317 -3.47 -4.17 35.59
N SER B 318 -3.02 -3.16 34.82
CA SER B 318 -1.68 -2.57 34.90
C SER B 318 -1.83 -1.12 35.38
N ASN B 319 -3.07 -0.59 35.30
CA ASN B 319 -3.45 0.75 35.75
C ASN B 319 -3.69 0.71 37.26
N ASP B 320 -3.05 1.66 37.99
CA ASP B 320 -3.16 1.80 39.45
C ASP B 320 -4.59 2.09 39.94
N GLU B 321 -5.45 2.63 39.04
CA GLU B 321 -6.85 2.95 39.28
C GLU B 321 -7.72 1.68 39.42
N PHE B 322 -7.25 0.55 38.83
CA PHE B 322 -7.98 -0.73 38.84
C PHE B 322 -7.30 -1.86 39.63
N LEU B 323 -5.97 -1.78 39.83
CA LEU B 323 -5.22 -2.80 40.57
C LEU B 323 -4.81 -2.32 41.96
N GLN B 324 -5.33 -3.00 43.00
CA GLN B 324 -5.09 -2.74 44.42
C GLN B 324 -4.90 -4.08 45.15
N GLY B 325 -3.75 -4.21 45.82
CA GLY B 325 -3.37 -5.38 46.61
C GLY B 325 -3.57 -6.74 45.95
N GLY B 326 -3.26 -6.82 44.66
CA GLY B 326 -3.40 -8.04 43.86
C GLY B 326 -4.80 -8.30 43.31
N ILE B 327 -5.78 -7.44 43.65
CA ILE B 327 -7.17 -7.60 43.18
C ILE B 327 -7.51 -6.55 42.12
N CYS B 328 -7.66 -6.99 40.85
CA CYS B 328 -8.01 -6.13 39.72
C CYS B 328 -9.52 -6.01 39.59
N SER B 329 -10.05 -4.80 39.72
CA SER B 329 -11.49 -4.52 39.61
C SER B 329 -11.85 -4.25 38.14
N ASN B 330 -12.61 -5.16 37.53
CA ASN B 330 -13.02 -5.06 36.12
C ASN B 330 -14.45 -4.53 35.99
N PRO B 331 -14.63 -3.37 35.32
CA PRO B 331 -16.00 -2.83 35.16
C PRO B 331 -16.85 -3.56 34.11
N CYS B 332 -16.19 -4.31 33.20
CA CYS B 332 -16.84 -5.07 32.13
C CYS B 332 -17.32 -6.46 32.58
N LEU B 333 -17.00 -6.84 33.82
CA LEU B 333 -17.44 -8.11 34.41
C LEU B 333 -18.52 -7.87 35.46
N PHE B 334 -19.53 -8.74 35.50
CA PHE B 334 -20.68 -8.66 36.41
C PHE B 334 -20.31 -8.74 37.90
N LYS B 335 -21.17 -8.17 38.76
CA LYS B 335 -21.03 -8.15 40.22
C LYS B 335 -21.08 -9.57 40.77
N GLY B 336 -20.07 -9.95 41.55
CA GLY B 336 -19.97 -11.26 42.16
C GLY B 336 -19.10 -12.24 41.38
N PHE B 337 -18.80 -11.94 40.10
CA PHE B 337 -17.94 -12.77 39.26
C PHE B 337 -16.49 -12.67 39.70
N GLN B 338 -15.81 -13.82 39.78
CA GLN B 338 -14.43 -13.94 40.24
C GLN B 338 -13.63 -14.89 39.34
N GLN B 339 -12.40 -14.48 38.96
CA GLN B 339 -11.50 -15.28 38.13
C GLN B 339 -10.02 -15.00 38.45
N SER B 340 -9.11 -15.91 38.03
CA SER B 340 -7.66 -15.77 38.22
C SER B 340 -7.13 -14.65 37.32
N CYS B 341 -6.02 -14.00 37.73
CA CYS B 341 -5.43 -12.91 36.96
C CYS B 341 -4.51 -13.33 35.81
N SER B 342 -5.11 -13.76 34.68
CA SER B 342 -4.42 -14.15 33.45
C SER B 342 -5.36 -14.10 32.23
N ALA B 343 -4.78 -13.87 31.04
CA ALA B 343 -5.52 -13.77 29.78
C ALA B 343 -5.94 -15.10 29.16
N GLY B 344 -5.71 -16.21 29.87
CA GLY B 344 -6.08 -17.55 29.42
C GLY B 344 -7.57 -17.76 29.26
N GLU B 345 -7.96 -18.77 28.46
CA GLU B 345 -9.37 -19.13 28.19
C GLU B 345 -10.15 -19.40 29.48
N VAL B 346 -11.27 -18.68 29.66
CA VAL B 346 -12.12 -18.79 30.84
C VAL B 346 -13.31 -19.71 30.57
N GLU B 347 -13.47 -20.73 31.43
CA GLU B 347 -14.56 -21.71 31.39
C GLU B 347 -15.43 -21.52 32.62
N VAL B 348 -16.71 -21.15 32.42
CA VAL B 348 -17.65 -20.95 33.52
C VAL B 348 -18.20 -22.32 33.90
N ARG B 349 -17.75 -22.84 35.06
CA ARG B 349 -18.11 -24.14 35.60
C ARG B 349 -19.53 -24.15 36.21
N PRO B 350 -20.23 -25.32 36.27
CA PRO B 350 -21.59 -25.36 36.83
C PRO B 350 -21.77 -24.86 38.27
N ASP B 351 -20.70 -24.86 39.07
CA ASP B 351 -20.72 -24.39 40.46
C ASP B 351 -20.51 -22.88 40.62
N GLY B 352 -20.57 -22.13 39.51
CA GLY B 352 -20.41 -20.68 39.48
C GLY B 352 -18.98 -20.18 39.32
N SER B 353 -17.99 -21.06 39.61
CA SER B 353 -16.55 -20.77 39.51
C SER B 353 -16.08 -20.56 38.07
N ALA B 354 -14.99 -19.81 37.90
CA ALA B 354 -14.38 -19.54 36.60
C ALA B 354 -13.01 -20.22 36.48
N SER B 355 -12.95 -21.27 35.65
CA SER B 355 -11.73 -22.04 35.42
C SER B 355 -10.90 -21.35 34.33
N VAL B 356 -9.71 -20.90 34.70
CA VAL B 356 -8.81 -20.21 33.77
C VAL B 356 -7.67 -21.12 33.32
N ASN B 357 -7.67 -21.51 32.03
CA ASN B 357 -6.65 -22.38 31.44
C ASN B 357 -5.32 -21.63 31.30
N GLU B 358 -4.30 -22.08 32.05
CA GLU B 358 -2.98 -21.46 32.10
C GLU B 358 -1.98 -21.93 31.02
N ASP B 359 -2.47 -22.70 30.02
CA ASP B 359 -1.65 -23.19 28.89
C ASP B 359 -1.33 -22.04 27.94
N VAL B 360 -0.05 -21.91 27.56
CA VAL B 360 0.49 -20.88 26.67
C VAL B 360 -0.28 -20.73 25.35
N ARG B 361 -0.65 -21.86 24.71
CA ARG B 361 -1.39 -21.92 23.45
C ARG B 361 -2.80 -21.36 23.62
N LYS B 362 -3.47 -21.69 24.75
CA LYS B 362 -4.83 -21.27 25.07
C LYS B 362 -4.92 -19.84 25.64
N ASN B 363 -3.76 -19.22 25.96
CA ASN B 363 -3.68 -17.85 26.48
C ASN B 363 -3.97 -16.85 25.36
N ARG B 364 -4.88 -15.89 25.62
CA ARG B 364 -5.31 -14.88 24.65
C ARG B 364 -4.31 -13.72 24.40
N LEU B 365 -3.27 -13.61 25.24
CA LEU B 365 -2.22 -12.60 25.11
C LEU B 365 -1.02 -13.11 24.31
N LYS B 366 -1.00 -14.43 23.97
CA LYS B 366 0.08 -15.08 23.23
C LYS B 366 0.42 -14.46 21.87
N PRO B 367 -0.52 -14.25 20.90
CA PRO B 367 -0.13 -13.65 19.63
C PRO B 367 0.52 -12.27 19.74
N LEU B 368 0.05 -11.45 20.70
CA LEU B 368 0.58 -10.11 20.98
C LEU B 368 1.96 -10.17 21.62
N ALA B 369 2.16 -11.08 22.61
CA ALA B 369 3.44 -11.29 23.30
C ALA B 369 4.51 -11.91 22.39
N THR B 370 4.08 -12.74 21.41
CA THR B 370 4.98 -13.37 20.43
C THR B 370 5.48 -12.32 19.43
N TYR B 371 4.60 -11.37 19.05
CA TYR B 371 4.94 -10.26 18.16
C TYR B 371 5.85 -9.27 18.87
N CYS B 372 5.54 -8.96 20.14
CA CYS B 372 6.28 -8.03 21.00
C CYS B 372 7.50 -8.72 21.64
N SER B 373 8.47 -9.12 20.81
CA SER B 373 9.71 -9.78 21.23
C SER B 373 10.90 -9.04 20.64
N VAL B 374 11.92 -8.74 21.47
CA VAL B 374 13.14 -8.06 21.04
C VAL B 374 13.95 -8.87 20.00
N HIS B 375 13.61 -10.16 19.84
CA HIS B 375 14.24 -11.09 18.90
C HIS B 375 13.57 -11.05 17.52
N ASN B 376 12.37 -10.44 17.44
CA ASN B 376 11.61 -10.25 16.21
C ASN B 376 12.18 -8.97 15.54
N PRO B 377 12.63 -9.05 14.25
CA PRO B 377 13.21 -7.85 13.60
C PRO B 377 12.34 -6.60 13.56
N GLU B 378 11.01 -6.76 13.66
CA GLU B 378 10.05 -5.65 13.67
C GLU B 378 10.11 -4.84 14.97
N ILE B 379 10.77 -5.37 16.01
CA ILE B 379 10.93 -4.71 17.30
C ILE B 379 12.37 -4.21 17.50
N SER B 380 13.37 -5.10 17.28
CA SER B 380 14.81 -4.81 17.45
C SER B 380 15.33 -3.67 16.58
N PHE B 381 14.81 -3.56 15.35
CA PHE B 381 15.23 -2.52 14.39
C PHE B 381 14.28 -1.31 14.34
N LYS B 382 13.00 -1.52 14.72
CA LYS B 382 11.96 -0.48 14.72
C LYS B 382 11.53 -0.10 16.14
N VAL B 383 12.08 1.03 16.65
CA VAL B 383 11.82 1.58 17.99
C VAL B 383 10.34 1.93 18.19
N THR B 384 9.68 2.41 17.12
CA THR B 384 8.25 2.79 17.12
C THR B 384 7.37 1.61 17.56
N ASN B 385 7.65 0.40 17.04
CA ASN B 385 6.92 -0.83 17.38
C ASN B 385 7.18 -1.29 18.82
N GLU B 386 8.39 -1.00 19.35
CA GLU B 386 8.80 -1.32 20.73
C GLU B 386 7.98 -0.46 21.71
N MET B 387 7.85 0.86 21.42
CA MET B 387 7.08 1.79 22.23
C MET B 387 5.58 1.51 22.19
N GLN B 388 5.10 0.89 21.08
CA GLN B 388 3.71 0.48 20.91
C GLN B 388 3.40 -0.68 21.85
N CYS B 389 4.38 -1.58 22.05
CA CYS B 389 4.30 -2.75 22.93
C CYS B 389 4.37 -2.34 24.40
N ARG B 390 5.34 -1.48 24.75
CA ARG B 390 5.57 -0.98 26.11
C ARG B 390 4.37 -0.19 26.65
N GLU B 391 3.68 0.58 25.80
CA GLU B 391 2.48 1.35 26.16
C GLU B 391 1.28 0.45 26.46
N ASN B 392 1.28 -0.77 25.91
CA ASN B 392 0.24 -1.77 26.13
C ASN B 392 0.68 -2.79 27.19
N SER B 393 1.66 -2.39 28.03
CA SER B 393 2.27 -3.11 29.17
C SER B 393 3.18 -4.32 28.86
N ILE B 394 3.41 -4.62 27.57
CA ILE B 394 4.28 -5.73 27.16
C ILE B 394 5.73 -5.27 26.98
N ASP B 395 6.64 -5.85 27.79
CA ASP B 395 8.07 -5.57 27.76
C ASP B 395 8.72 -6.56 26.76
N PRO B 396 9.21 -6.10 25.58
CA PRO B 396 9.79 -7.06 24.61
C PRO B 396 11.09 -7.74 25.04
N THR B 397 11.80 -7.14 26.02
CA THR B 397 13.06 -7.68 26.56
C THR B 397 12.82 -8.89 27.45
N LYS B 398 11.71 -8.85 28.23
CA LYS B 398 11.28 -9.92 29.15
C LYS B 398 10.92 -11.24 28.46
N PRO B 399 11.02 -12.43 29.14
CA PRO B 399 10.65 -13.69 28.47
C PRO B 399 9.14 -13.80 28.22
N LEU B 400 8.75 -14.69 27.29
CA LEU B 400 7.35 -14.92 26.88
C LEU B 400 6.35 -15.02 28.05
N ALA B 401 6.66 -15.86 29.05
CA ALA B 401 5.81 -16.07 30.23
C ALA B 401 5.59 -14.78 31.02
N GLU B 402 6.66 -13.96 31.21
CA GLU B 402 6.65 -12.69 31.92
C GLU B 402 5.87 -11.60 31.16
N ARG B 403 5.81 -11.70 29.82
CA ARG B 403 5.09 -10.77 28.95
C ARG B 403 3.57 -10.96 29.07
N MET B 404 3.10 -12.23 29.06
CA MET B 404 1.69 -12.60 29.16
C MET B 404 1.16 -12.47 30.61
N LYS B 405 2.08 -12.50 31.60
CA LYS B 405 1.75 -12.40 33.02
C LYS B 405 1.33 -10.99 33.40
N ILE B 406 0.19 -10.87 34.11
CA ILE B 406 -0.31 -9.62 34.63
C ILE B 406 0.39 -9.45 35.97
N GLU B 407 1.49 -8.65 35.98
CA GLU B 407 2.34 -8.41 37.15
C GLU B 407 1.60 -7.82 38.34
N ASN B 408 1.96 -8.29 39.56
CA ASN B 408 1.40 -7.89 40.87
C ASN B 408 -0.12 -8.06 40.94
N CYS B 409 -0.66 -9.11 40.30
CA CYS B 409 -2.10 -9.39 40.25
C CYS B 409 -2.38 -10.87 40.48
N SER B 410 -3.38 -11.16 41.33
CA SER B 410 -3.78 -12.53 41.69
C SER B 410 -5.20 -12.89 41.24
N ILE B 411 -6.19 -12.02 41.54
CA ILE B 411 -7.60 -12.25 41.23
C ILE B 411 -8.27 -11.04 40.55
N ILE B 412 -9.11 -11.32 39.54
CA ILE B 412 -9.90 -10.30 38.83
C ILE B 412 -11.34 -10.35 39.39
N GLU B 413 -11.82 -9.23 39.95
CA GLU B 413 -13.16 -9.10 40.53
C GLU B 413 -14.03 -8.20 39.64
N GLY B 414 -15.30 -8.57 39.47
CA GLY B 414 -16.24 -7.83 38.65
C GLY B 414 -17.00 -6.75 39.39
N THR B 415 -16.86 -5.49 38.94
CA THR B 415 -17.54 -4.33 39.54
C THR B 415 -18.90 -3.99 38.90
N GLY B 416 -19.09 -4.40 37.64
CA GLY B 416 -20.34 -4.21 36.91
C GLY B 416 -20.72 -2.79 36.51
N ASN B 417 -19.76 -1.84 36.53
CA ASN B 417 -20.05 -0.47 36.13
C ASN B 417 -19.89 -0.37 34.61
N PHE B 418 -20.99 -0.12 33.90
CA PHE B 418 -20.97 -0.03 32.44
C PHE B 418 -20.26 1.23 31.93
N ASP B 419 -20.55 2.41 32.53
CA ASP B 419 -19.94 3.69 32.16
C ASP B 419 -18.41 3.67 32.29
N LYS B 420 -17.89 3.00 33.33
CA LYS B 420 -16.45 2.85 33.57
C LYS B 420 -15.84 1.87 32.56
N CYS B 421 -16.63 0.87 32.11
CA CYS B 421 -16.22 -0.14 31.12
C CYS B 421 -16.09 0.52 29.73
N VAL B 422 -17.04 1.40 29.36
CA VAL B 422 -17.04 2.15 28.10
C VAL B 422 -15.80 3.03 28.05
N SER B 423 -15.56 3.80 29.14
CA SER B 423 -14.42 4.71 29.31
C SER B 423 -13.08 3.99 29.15
N GLN B 424 -12.98 2.72 29.59
CA GLN B 424 -11.76 1.93 29.48
C GLN B 424 -11.56 1.26 28.12
N VAL B 425 -12.65 0.77 27.49
CA VAL B 425 -12.62 0.17 26.15
C VAL B 425 -12.18 1.27 25.15
N GLU B 426 -12.62 2.53 25.41
CA GLU B 426 -12.30 3.72 24.63
C GLU B 426 -10.80 4.05 24.67
N SER B 427 -10.23 4.24 25.87
CA SER B 427 -8.82 4.59 26.04
C SER B 427 -7.84 3.47 25.66
N ILE B 428 -8.24 2.20 25.83
CA ILE B 428 -7.39 1.03 25.53
C ILE B 428 -7.49 0.58 24.07
N LEU B 429 -8.70 0.19 23.62
CA LEU B 429 -8.93 -0.36 22.29
C LEU B 429 -9.29 0.63 21.19
N VAL B 430 -10.33 1.45 21.40
CA VAL B 430 -10.87 2.39 20.41
C VAL B 430 -9.95 3.58 20.09
N ALA B 431 -9.60 4.40 21.09
CA ALA B 431 -8.76 5.58 20.91
C ALA B 431 -7.50 5.60 21.81
N PRO B 432 -6.48 4.73 21.56
CA PRO B 432 -5.27 4.79 22.40
C PRO B 432 -4.31 5.91 21.99
N LYS B 433 -3.33 6.23 22.85
CA LYS B 433 -2.31 7.27 22.59
C LYS B 433 -1.49 6.88 21.35
N LEU B 434 -0.86 5.70 21.39
CA LEU B 434 -0.09 5.15 20.29
C LEU B 434 -0.94 4.06 19.60
N PRO B 435 -0.76 3.76 18.29
CA PRO B 435 -1.56 2.70 17.66
C PRO B 435 -1.29 1.32 18.26
N LEU B 436 -2.28 0.41 18.22
CA LEU B 436 -2.14 -0.95 18.75
C LEU B 436 -1.11 -1.74 17.91
N PRO B 437 -0.22 -2.57 18.54
CA PRO B 437 0.81 -3.27 17.76
C PRO B 437 0.34 -4.07 16.55
N ALA B 438 1.22 -4.13 15.52
CA ALA B 438 1.05 -4.78 14.22
C ALA B 438 -0.03 -4.12 13.32
N ASN B 439 -0.14 -2.78 13.37
CA ASN B 439 -1.12 -2.02 12.59
C ASN B 439 -0.51 -1.02 11.60
N ILE B 440 0.56 -1.42 10.89
CA ILE B 440 1.23 -0.57 9.89
C ILE B 440 0.35 -0.33 8.66
N GLU B 441 -0.45 -1.35 8.27
CA GLU B 441 -1.37 -1.28 7.13
C GLU B 441 -2.45 -0.22 7.37
N ALA B 442 -3.04 -0.22 8.58
CA ALA B 442 -4.06 0.73 9.00
C ALA B 442 -3.51 2.16 8.97
N ALA B 443 -2.32 2.38 9.56
CA ALA B 443 -1.63 3.67 9.64
C ALA B 443 -1.26 4.22 8.26
N SER B 444 -0.92 3.33 7.30
CA SER B 444 -0.57 3.71 5.93
C SER B 444 -1.77 4.18 5.12
N SER B 445 -2.99 3.78 5.53
CA SER B 445 -4.22 4.24 4.89
C SER B 445 -4.71 5.56 5.53
N GLY B 446 -4.03 5.97 6.62
CA GLY B 446 -4.29 7.21 7.35
C GLY B 446 -5.07 7.08 8.64
N PHE B 447 -5.20 5.84 9.17
CA PHE B 447 -5.94 5.59 10.40
C PHE B 447 -5.12 4.85 11.46
N GLU B 448 -4.64 5.59 12.47
CA GLU B 448 -3.86 5.01 13.57
C GLU B 448 -4.76 4.24 14.54
N SER B 449 -6.04 4.66 14.67
CA SER B 449 -7.03 4.03 15.55
C SER B 449 -8.47 4.19 15.03
N VAL B 450 -9.43 3.52 15.71
CA VAL B 450 -10.87 3.47 15.39
C VAL B 450 -11.51 4.87 15.38
N ASP B 451 -11.14 5.74 16.35
CA ASP B 451 -11.67 7.10 16.46
C ASP B 451 -11.31 7.97 15.25
N GLN B 452 -10.11 7.74 14.67
CA GLN B 452 -9.59 8.46 13.50
C GLN B 452 -10.33 8.13 12.21
N VAL B 453 -10.97 6.94 12.12
CA VAL B 453 -11.74 6.50 10.94
C VAL B 453 -12.85 7.48 10.58
N PHE B 454 -13.81 7.69 11.49
CA PHE B 454 -14.96 8.56 11.31
C PHE B 454 -14.65 10.06 11.43
N ARG B 455 -13.47 10.39 11.99
CA ARG B 455 -12.96 11.75 12.15
C ARG B 455 -12.48 12.29 10.80
N PHE B 456 -11.74 11.46 10.03
CA PHE B 456 -11.17 11.82 8.72
C PHE B 456 -12.06 11.43 7.55
N ALA B 457 -12.82 10.32 7.68
CA ALA B 457 -13.70 9.81 6.63
C ALA B 457 -15.09 9.46 7.19
N SER B 458 -16.14 9.99 6.57
CA SER B 458 -17.51 9.74 7.00
C SER B 458 -18.43 9.52 5.81
N SER B 459 -19.47 8.69 5.98
CA SER B 459 -20.41 8.38 4.90
C SER B 459 -21.84 8.26 5.38
N THR B 460 -22.79 8.65 4.52
CA THR B 460 -24.23 8.58 4.75
C THR B 460 -24.79 7.21 4.30
N ALA B 461 -23.89 6.22 4.10
CA ALA B 461 -24.22 4.86 3.67
C ALA B 461 -24.61 3.98 4.87
N PRO B 462 -25.67 3.14 4.76
CA PRO B 462 -26.06 2.29 5.89
C PRO B 462 -24.99 1.28 6.30
N MET B 463 -24.82 1.06 7.61
CA MET B 463 -23.81 0.13 8.11
C MET B 463 -24.41 -1.17 8.61
N PHE B 464 -23.65 -2.26 8.43
CA PHE B 464 -24.03 -3.61 8.86
C PHE B 464 -23.00 -4.17 9.83
N ILE B 465 -23.44 -4.60 11.02
CA ILE B 465 -22.56 -5.15 12.04
C ILE B 465 -22.53 -6.68 11.97
N THR B 466 -21.32 -7.28 11.94
CA THR B 466 -21.09 -8.73 11.88
C THR B 466 -20.11 -9.20 12.95
N GLY B 467 -20.42 -10.34 13.56
CA GLY B 467 -19.65 -10.95 14.62
C GLY B 467 -20.56 -11.54 15.67
N ARG B 468 -20.33 -12.84 16.02
CA ARG B 468 -21.09 -13.62 17.00
C ARG B 468 -21.50 -12.81 18.23
N GLU B 469 -20.50 -12.23 18.92
CA GLU B 469 -20.69 -11.43 20.13
C GLU B 469 -21.33 -10.07 19.89
N MET B 470 -21.05 -9.45 18.72
CA MET B 470 -21.62 -8.14 18.32
C MET B 470 -23.14 -8.23 18.22
N LEU B 471 -23.64 -9.36 17.66
CA LEU B 471 -25.06 -9.66 17.51
C LEU B 471 -25.65 -10.00 18.88
N ALA B 472 -24.94 -10.85 19.65
CA ALA B 472 -25.29 -11.30 21.01
C ALA B 472 -25.47 -10.12 21.97
N SER B 473 -24.68 -9.04 21.81
CA SER B 473 -24.77 -7.81 22.60
C SER B 473 -26.16 -7.17 22.41
N ILE B 474 -26.67 -7.16 21.16
CA ILE B 474 -27.98 -6.60 20.80
C ILE B 474 -29.13 -7.55 21.16
N ASP B 475 -29.03 -8.84 20.77
CA ASP B 475 -30.05 -9.86 20.99
C ASP B 475 -30.40 -10.08 22.47
N THR B 476 -29.39 -10.12 23.37
CA THR B 476 -29.57 -10.31 24.81
C THR B 476 -30.45 -9.21 25.41
N LEU B 477 -30.19 -7.94 25.02
CA LEU B 477 -30.95 -6.79 25.49
C LEU B 477 -32.37 -6.78 24.90
N LYS B 478 -32.52 -7.26 23.65
CA LYS B 478 -33.80 -7.39 22.96
C LYS B 478 -34.67 -8.46 23.62
N ASP B 479 -34.05 -9.58 24.05
CA ASP B 479 -34.69 -10.72 24.71
C ASP B 479 -35.25 -10.36 26.09
N HIS B 480 -34.51 -9.54 26.86
CA HIS B 480 -34.91 -9.10 28.20
C HIS B 480 -35.82 -7.87 28.18
N ARG B 481 -36.24 -7.43 26.97
CA ARG B 481 -37.12 -6.28 26.71
C ARG B 481 -36.50 -4.93 27.13
N LEU B 482 -35.16 -4.85 27.07
CA LEU B 482 -34.40 -3.64 27.39
C LEU B 482 -34.28 -2.78 26.13
N LEU B 483 -34.27 -3.42 24.95
CA LEU B 483 -34.23 -2.78 23.64
C LEU B 483 -35.44 -3.20 22.80
N ARG B 484 -35.97 -2.26 21.99
CA ARG B 484 -37.13 -2.48 21.12
C ARG B 484 -36.84 -3.53 20.04
N SER B 485 -37.90 -4.25 19.59
CA SER B 485 -37.82 -5.28 18.54
C SER B 485 -37.23 -4.63 17.28
N ASP B 486 -37.72 -3.42 16.95
CA ASP B 486 -37.23 -2.58 15.86
C ASP B 486 -36.17 -1.66 16.46
N PHE B 487 -34.90 -1.93 16.16
CA PHE B 487 -33.81 -1.12 16.69
C PHE B 487 -32.94 -0.55 15.57
N SER B 488 -33.11 0.77 15.34
CA SER B 488 -32.40 1.53 14.31
C SER B 488 -30.91 1.67 14.58
N GLY B 489 -30.52 1.59 15.85
CA GLY B 489 -29.13 1.70 16.28
C GLY B 489 -28.82 2.99 17.03
N ASP B 490 -29.74 3.39 17.93
CA ASP B 490 -29.57 4.60 18.75
C ASP B 490 -28.53 4.32 19.82
N VAL B 491 -27.53 5.22 19.91
CA VAL B 491 -26.39 5.14 20.82
C VAL B 491 -26.79 5.18 22.30
N GLU B 492 -27.58 6.20 22.71
CA GLU B 492 -27.99 6.34 24.11
C GLU B 492 -29.10 5.39 24.57
N GLU B 493 -29.90 4.88 23.62
CA GLU B 493 -30.94 3.86 23.85
C GLU B 493 -30.26 2.54 24.22
N LEU B 494 -29.12 2.25 23.54
CA LEU B 494 -28.29 1.07 23.75
C LEU B 494 -27.53 1.18 25.09
N ALA B 495 -26.92 2.35 25.35
CA ALA B 495 -26.15 2.63 26.57
C ALA B 495 -26.98 2.55 27.85
N GLU B 496 -28.28 2.92 27.78
CA GLU B 496 -29.21 2.87 28.91
C GLU B 496 -29.60 1.41 29.21
N ALA B 497 -29.88 0.63 28.15
CA ALA B 497 -30.26 -0.78 28.21
C ALA B 497 -29.13 -1.66 28.73
N ALA B 498 -27.89 -1.42 28.25
CA ALA B 498 -26.69 -2.16 28.65
C ALA B 498 -26.25 -1.80 30.06
N ARG B 499 -26.43 -0.53 30.49
CA ARG B 499 -26.07 -0.05 31.83
C ARG B 499 -26.87 -0.77 32.90
N GLU B 500 -28.17 -1.01 32.63
CA GLU B 500 -29.07 -1.72 33.53
C GLU B 500 -28.74 -3.21 33.55
N PHE B 501 -28.30 -3.77 32.40
CA PHE B 501 -27.94 -5.18 32.26
C PHE B 501 -26.58 -5.51 32.89
N CYS B 502 -25.56 -4.66 32.68
CA CYS B 502 -24.21 -4.89 33.19
C CYS B 502 -24.08 -4.73 34.71
N SER B 503 -24.98 -3.94 35.32
CA SER B 503 -25.03 -3.72 36.78
C SER B 503 -25.64 -4.93 37.52
N SER B 504 -26.17 -5.91 36.77
CA SER B 504 -26.79 -7.14 37.28
C SER B 504 -25.86 -7.98 38.14
N GLU B 505 -26.43 -8.57 39.22
CA GLU B 505 -25.74 -9.43 40.17
C GLU B 505 -25.68 -10.86 39.65
N VAL B 506 -24.68 -11.63 40.09
CA VAL B 506 -24.54 -13.04 39.73
C VAL B 506 -24.89 -13.86 40.97
N ILE B 507 -25.92 -14.71 40.85
CA ILE B 507 -26.38 -15.56 41.94
C ILE B 507 -26.06 -17.02 41.61
N ILE B 508 -25.23 -17.67 42.44
CA ILE B 508 -24.87 -19.07 42.27
C ILE B 508 -26.00 -19.90 42.89
N ARG B 509 -26.83 -20.47 42.01
CA ARG B 509 -28.02 -21.26 42.31
C ARG B 509 -27.76 -22.76 42.10
N THR B 510 -28.72 -23.64 42.48
CA THR B 510 -28.65 -25.11 42.33
C THR B 510 -28.51 -25.53 40.86
N ASP B 511 -29.04 -24.70 39.93
CA ASP B 511 -28.96 -24.92 38.48
C ASP B 511 -27.63 -24.40 37.91
N GLY B 512 -27.01 -23.45 38.61
CA GLY B 512 -25.74 -22.84 38.23
C GLY B 512 -25.69 -21.33 38.40
N PRO B 513 -24.71 -20.63 37.77
CA PRO B 513 -24.66 -19.16 37.90
C PRO B 513 -25.72 -18.47 37.04
N VAL B 514 -26.54 -17.61 37.67
CA VAL B 514 -27.63 -16.88 37.01
C VAL B 514 -27.42 -15.36 37.09
N ILE B 515 -27.66 -14.65 35.96
CA ILE B 515 -27.56 -13.19 35.86
C ILE B 515 -28.91 -12.60 36.32
N GLN B 516 -28.95 -12.08 37.56
CA GLN B 516 -30.15 -11.49 38.16
C GLN B 516 -30.26 -10.01 37.80
N LEU B 517 -31.19 -9.66 36.89
CA LEU B 517 -31.40 -8.28 36.45
C LEU B 517 -32.06 -7.40 37.53
N PRO B 518 -31.59 -6.13 37.73
CA PRO B 518 -32.20 -5.28 38.77
C PRO B 518 -33.67 -4.92 38.53
N ASN B 519 -34.39 -4.56 39.62
CA ASN B 519 -35.82 -4.20 39.64
C ASN B 519 -36.72 -5.33 39.11
N ALA B 520 -36.31 -6.60 39.38
CA ALA B 520 -36.99 -7.84 39.00
C ALA B 520 -37.43 -7.92 37.52
N ARG B 521 -36.52 -7.52 36.60
CA ARG B 521 -36.77 -7.52 35.16
C ARG B 521 -36.82 -8.95 34.59
N GLY B 522 -35.79 -9.74 34.85
CA GLY B 522 -35.68 -11.12 34.37
C GLY B 522 -34.39 -11.81 34.77
N GLU B 523 -34.15 -13.02 34.22
CA GLU B 523 -32.95 -13.82 34.50
C GLU B 523 -32.51 -14.71 33.33
N GLN B 524 -31.19 -15.00 33.26
CA GLN B 524 -30.58 -15.90 32.28
C GLN B 524 -29.32 -16.57 32.82
N LYS B 525 -29.03 -17.80 32.35
CA LYS B 525 -27.87 -18.59 32.77
C LYS B 525 -26.55 -17.98 32.30
N LEU B 526 -25.56 -17.92 33.20
CA LEU B 526 -24.22 -17.39 32.93
C LEU B 526 -23.32 -18.51 32.41
N ASN B 527 -22.68 -18.28 31.25
CA ASN B 527 -21.77 -19.21 30.59
C ASN B 527 -20.48 -18.55 30.08
N SER B 528 -19.56 -19.36 29.53
CA SER B 528 -18.26 -18.95 28.96
C SER B 528 -18.35 -17.97 27.78
N LEU B 529 -19.56 -17.75 27.22
CA LEU B 529 -19.78 -16.85 26.08
C LEU B 529 -20.32 -15.47 26.46
N ASN B 530 -21.16 -15.40 27.53
CA ASN B 530 -21.79 -14.15 27.96
C ASN B 530 -21.21 -13.47 29.21
N PHE B 531 -20.24 -14.12 29.90
CA PHE B 531 -19.61 -13.58 31.12
C PHE B 531 -18.93 -12.21 30.90
N ASP B 532 -18.31 -12.01 29.71
CA ASP B 532 -17.59 -10.78 29.35
C ASP B 532 -18.24 -10.02 28.17
N LEU B 533 -19.53 -10.28 27.89
CA LEU B 533 -20.30 -9.64 26.81
C LEU B 533 -20.45 -8.11 26.98
N CYS B 534 -20.31 -7.61 28.23
CA CYS B 534 -20.38 -6.19 28.58
C CYS B 534 -19.22 -5.36 28.00
N LYS B 535 -18.08 -6.02 27.71
CA LYS B 535 -16.91 -5.41 27.07
C LYS B 535 -17.28 -5.11 25.61
N THR B 536 -18.00 -6.06 24.97
CA THR B 536 -18.47 -5.98 23.58
C THR B 536 -19.63 -4.98 23.48
N MET B 537 -20.48 -4.89 24.53
CA MET B 537 -21.61 -3.96 24.61
C MET B 537 -21.07 -2.53 24.64
N ALA B 538 -19.98 -2.30 25.42
CA ALA B 538 -19.28 -1.03 25.55
C ALA B 538 -18.57 -0.67 24.24
N LEU B 539 -18.02 -1.69 23.54
CA LEU B 539 -17.34 -1.55 22.25
C LEU B 539 -18.34 -1.04 21.19
N THR B 540 -19.57 -1.58 21.20
CA THR B 540 -20.65 -1.21 20.28
C THR B 540 -21.10 0.24 20.54
N VAL B 541 -21.17 0.65 21.83
CA VAL B 541 -21.54 2.00 22.25
C VAL B 541 -20.51 3.02 21.76
N SER B 542 -19.21 2.75 22.02
CA SER B 542 -18.07 3.57 21.62
C SER B 542 -17.98 3.73 20.09
N LEU B 543 -18.22 2.62 19.36
CA LEU B 543 -18.20 2.55 17.90
C LEU B 543 -19.31 3.41 17.30
N LEU B 544 -20.54 3.29 17.85
CA LEU B 544 -21.70 4.07 17.40
C LEU B 544 -21.57 5.55 17.77
N ARG B 545 -20.82 5.86 18.86
CA ARG B 545 -20.56 7.23 19.33
C ARG B 545 -19.73 8.00 18.31
N HIS B 546 -18.72 7.32 17.72
CA HIS B 546 -17.84 7.93 16.72
C HIS B 546 -18.54 8.08 15.37
N MET B 547 -19.45 7.14 15.02
CA MET B 547 -20.25 7.16 13.79
C MET B 547 -21.22 8.33 13.83
N ALA B 548 -21.74 8.65 15.04
CA ALA B 548 -22.68 9.76 15.29
C ALA B 548 -21.93 11.09 15.43
N ALA B 549 -20.61 11.03 15.65
CA ALA B 549 -19.72 12.20 15.78
C ALA B 549 -19.23 12.70 14.43
N GLY B 550 -19.12 11.80 13.46
CA GLY B 550 -18.67 12.08 12.11
C GLY B 550 -19.56 13.04 11.35
N GLU B 551 -18.97 13.80 10.39
CA GLU B 551 -19.63 14.80 9.56
C GLU B 551 -20.87 14.22 8.84
N ASN B 552 -20.75 12.98 8.34
CA ASN B 552 -21.81 12.23 7.67
C ASN B 552 -22.20 11.05 8.55
N GLN B 553 -23.51 10.88 8.76
CA GLN B 553 -24.05 9.81 9.59
C GLN B 553 -24.78 8.75 8.74
N PRO B 554 -24.58 7.43 9.05
CA PRO B 554 -25.28 6.39 8.27
C PRO B 554 -26.80 6.52 8.34
N SER B 555 -27.49 6.14 7.25
CA SER B 555 -28.97 6.20 7.16
C SER B 555 -29.64 5.30 8.20
N PHE B 556 -29.04 4.11 8.45
CA PHE B 556 -29.48 3.13 9.45
C PHE B 556 -28.35 2.16 9.79
N ILE B 557 -28.32 1.66 11.03
CA ILE B 557 -27.31 0.68 11.49
C ILE B 557 -28.04 -0.64 11.77
N LYS B 558 -27.67 -1.71 11.06
CA LYS B 558 -28.32 -3.02 11.17
C LYS B 558 -27.37 -4.10 11.69
N TRP B 559 -27.90 -5.02 12.50
CA TRP B 559 -27.16 -6.14 13.07
C TRP B 559 -27.66 -7.42 12.42
N GLU B 560 -26.81 -8.06 11.58
CA GLU B 560 -27.19 -9.26 10.86
C GLU B 560 -26.16 -10.39 10.92
N LYS B 561 -26.65 -11.64 10.95
CA LYS B 561 -25.84 -12.86 10.97
C LYS B 561 -25.61 -13.31 9.52
N SER B 562 -26.70 -13.47 8.74
CA SER B 562 -26.72 -13.86 7.34
C SER B 562 -27.86 -13.15 6.59
N ILE B 563 -27.69 -12.95 5.27
CA ILE B 563 -28.67 -12.29 4.41
C ILE B 563 -29.62 -13.30 3.78
N ALA B 564 -30.94 -13.08 3.93
CA ALA B 564 -31.99 -13.93 3.37
C ALA B 564 -32.09 -13.74 1.86
N GLY B 565 -32.07 -14.85 1.13
CA GLY B 565 -32.15 -14.87 -0.32
C GLY B 565 -33.53 -14.54 -0.89
N PRO B 566 -33.72 -14.64 -2.22
CA PRO B 566 -35.04 -14.33 -2.80
C PRO B 566 -36.17 -15.30 -2.43
N ASP B 567 -35.82 -16.59 -2.19
CA ASP B 567 -36.77 -17.64 -1.80
C ASP B 567 -37.16 -17.57 -0.31
N GLY B 568 -36.41 -16.78 0.46
CA GLY B 568 -36.61 -16.62 1.90
C GLY B 568 -35.47 -17.25 2.69
N LYS B 569 -34.94 -18.37 2.16
CA LYS B 569 -33.81 -19.13 2.71
C LYS B 569 -32.51 -18.35 2.45
N PRO B 570 -31.56 -18.25 3.43
CA PRO B 570 -30.32 -17.49 3.17
C PRO B 570 -29.40 -18.19 2.17
N LEU B 571 -28.87 -17.43 1.19
CA LEU B 571 -27.97 -17.95 0.15
C LEU B 571 -26.59 -18.29 0.72
N ALA B 572 -25.98 -17.35 1.46
CA ALA B 572 -24.66 -17.52 2.05
C ALA B 572 -24.49 -16.68 3.32
N ASP B 573 -23.43 -16.96 4.10
CA ASP B 573 -23.12 -16.23 5.32
C ASP B 573 -22.24 -15.02 5.02
N LEU B 574 -22.38 -13.96 5.84
CA LEU B 574 -21.62 -12.72 5.73
C LEU B 574 -20.16 -12.92 6.10
N GLY B 575 -19.26 -12.30 5.33
CA GLY B 575 -17.83 -12.38 5.49
C GLY B 575 -17.09 -12.16 4.19
N TRP B 576 -15.76 -12.38 4.16
CA TRP B 576 -14.94 -12.17 2.96
C TRP B 576 -14.99 -13.29 1.90
N GLN B 577 -15.64 -14.42 2.23
CA GLN B 577 -15.74 -15.64 1.41
C GLN B 577 -16.37 -15.45 0.03
N VAL B 578 -17.62 -14.96 -0.03
CA VAL B 578 -18.32 -14.73 -1.30
C VAL B 578 -17.60 -13.62 -2.09
N GLY B 579 -17.09 -12.62 -1.38
CA GLY B 579 -16.37 -11.48 -1.94
C GLY B 579 -15.12 -11.88 -2.71
N VAL B 580 -14.35 -12.84 -2.18
CA VAL B 580 -13.14 -13.35 -2.84
C VAL B 580 -13.47 -14.17 -4.10
N ILE B 581 -14.65 -14.85 -4.10
CA ILE B 581 -15.14 -15.65 -5.23
C ILE B 581 -15.49 -14.68 -6.36
N LEU B 582 -16.34 -13.67 -6.07
CA LEU B 582 -16.78 -12.64 -7.01
C LEU B 582 -15.63 -11.81 -7.56
N HIS B 583 -14.55 -11.64 -6.78
CA HIS B 583 -13.34 -10.92 -7.17
C HIS B 583 -12.63 -11.64 -8.34
N HIS B 584 -12.78 -12.97 -8.42
CA HIS B 584 -12.18 -13.79 -9.48
C HIS B 584 -13.16 -14.17 -10.58
N VAL B 585 -14.36 -14.67 -10.21
CA VAL B 585 -15.39 -15.13 -11.15
C VAL B 585 -15.96 -14.06 -12.08
N LEU B 586 -16.10 -12.80 -11.58
CA LEU B 586 -16.65 -11.69 -12.35
C LEU B 586 -15.77 -11.21 -13.51
N PHE B 587 -14.48 -11.57 -13.49
CA PHE B 587 -13.57 -11.26 -14.59
C PHE B 587 -13.65 -12.47 -15.54
N THR B 588 -14.74 -12.49 -16.33
CA THR B 588 -15.16 -13.51 -17.30
C THR B 588 -14.03 -14.19 -18.08
N GLU B 589 -13.20 -13.39 -18.78
CA GLU B 589 -12.08 -13.89 -19.58
C GLU B 589 -10.99 -14.51 -18.72
N GLU B 590 -10.54 -13.80 -17.67
CA GLU B 590 -9.50 -14.25 -16.72
C GLU B 590 -9.88 -15.52 -15.96
N TRP B 591 -11.16 -15.64 -15.55
CA TRP B 591 -11.69 -16.80 -14.82
C TRP B 591 -11.75 -18.03 -15.71
N GLY B 592 -12.22 -17.87 -16.95
CA GLY B 592 -12.31 -18.93 -17.94
C GLY B 592 -10.97 -19.52 -18.29
N ARG B 593 -9.91 -18.68 -18.32
CA ARG B 593 -8.53 -19.08 -18.62
C ARG B 593 -7.92 -19.90 -17.48
N THR B 594 -8.08 -19.45 -16.22
CA THR B 594 -7.51 -20.12 -15.05
C THR B 594 -8.32 -21.33 -14.57
N ALA B 595 -9.66 -21.18 -14.49
CA ALA B 595 -10.53 -22.25 -13.97
C ALA B 595 -10.91 -23.32 -14.99
N TYR B 596 -11.11 -22.94 -16.26
CA TYR B 596 -11.53 -23.89 -17.30
C TYR B 596 -10.46 -24.28 -18.32
N GLU B 597 -9.74 -23.30 -18.91
CA GLU B 597 -8.68 -23.59 -19.89
C GLU B 597 -7.50 -24.32 -19.26
N ALA B 598 -6.94 -23.75 -18.17
CA ALA B 598 -5.83 -24.37 -17.43
C ALA B 598 -6.39 -25.52 -16.57
N GLY B 599 -7.32 -25.18 -15.67
CA GLY B 599 -8.01 -26.11 -14.79
C GLY B 599 -7.15 -27.02 -13.93
N TYR B 600 -7.73 -28.16 -13.51
CA TYR B 600 -7.05 -29.18 -12.70
C TYR B 600 -6.06 -29.96 -13.60
N SER B 601 -6.29 -29.91 -14.92
CA SER B 601 -5.49 -30.54 -15.97
C SER B 601 -4.07 -29.95 -16.02
N HIS B 602 -3.89 -28.72 -15.47
CA HIS B 602 -2.59 -28.04 -15.37
C HIS B 602 -1.65 -28.83 -14.45
N ASN B 603 -2.21 -29.43 -13.37
CA ASN B 603 -1.49 -30.23 -12.37
C ASN B 603 -0.93 -31.56 -12.92
N LEU B 604 -1.49 -32.08 -14.05
CA LEU B 604 -1.07 -33.33 -14.69
C LEU B 604 0.42 -33.32 -15.09
N GLU B 605 1.08 -34.48 -14.95
CA GLU B 605 2.50 -34.71 -15.22
C GLU B 605 2.90 -34.44 -16.68
PG ANP C . 12.21 15.26 -6.21
O1G ANP C . 13.10 14.54 -5.25
O2G ANP C . 12.17 14.52 -7.51
O3G ANP C . 10.82 15.32 -5.64
PB ANP C . 13.25 17.54 -7.83
O1B ANP C . 12.92 16.68 -8.99
O2B ANP C . 12.53 18.94 -7.97
N3B ANP C . 12.76 16.79 -6.45
PA ANP C . 16.04 17.30 -8.72
O1A ANP C . 15.99 15.82 -8.90
O2A ANP C . 15.90 17.98 -10.09
O3A ANP C . 14.82 17.76 -7.79
O5' ANP C . 17.43 17.73 -8.03
MG MG D . 12.85 13.82 -9.20
PG ANP E . -9.35 -12.95 11.48
PG ANP E . -9.36 -13.04 11.58
O1G ANP E . -10.06 -13.03 10.17
O1G ANP E . -10.04 -12.90 10.26
O2G ANP E . -8.00 -13.58 11.36
O2G ANP E . -7.99 -13.64 11.38
O3G ANP E . -9.20 -11.52 11.87
O3G ANP E . -9.22 -11.68 12.21
PB ANP E . -11.18 -15.07 12.50
PB ANP E . -11.41 -15.12 12.18
O1B ANP E . -11.06 -15.63 11.15
O1B ANP E . -11.19 -15.62 10.81
O2B ANP E . -10.73 -16.14 13.57
O2B ANP E . -11.34 -16.33 13.20
N3B ANP E . -10.22 -13.74 12.63
N3B ANP E . -10.25 -14.01 12.56
PA ANP E . -13.96 -15.53 13.11
PA ANP E . -14.29 -14.94 12.66
O1A ANP E . -15.06 -15.18 12.19
O1A ANP E . -15.31 -14.21 11.87
O2A ANP E . -13.62 -17.02 12.98
O2A ANP E . -14.39 -16.44 12.35
O3A ANP E . -12.69 -14.66 12.76
O3A ANP E . -12.84 -14.43 12.26
O5' ANP E . -14.42 -15.22 14.62
O5' ANP E . -14.53 -14.70 14.23
C5' ANP E . -13.65 -15.69 15.75
C5' ANP E . -13.88 -15.49 15.25
C4' ANP E . -14.30 -15.24 17.03
C4' ANP E . -14.45 -15.15 16.61
O4' ANP E . -15.71 -15.61 16.99
O4' ANP E . -15.89 -15.11 16.53
C3' ANP E . -13.72 -15.87 18.28
C3' ANP E . -14.11 -16.15 17.71
O3' ANP E . -12.77 -15.01 18.90
O3' ANP E . -13.00 -15.70 18.49
C2' ANP E . -14.95 -16.12 19.15
C2' ANP E . -15.39 -16.24 18.53
O2' ANP E . -15.30 -15.01 19.97
O2' ANP E . -15.48 -15.26 19.56
C1' ANP E . -16.04 -16.40 18.11
C1' ANP E . -16.46 -16.00 17.46
N9 ANP E . -16.19 -17.79 17.67
N9 ANP E . -16.96 -17.18 16.73
C8 ANP E . -15.62 -18.91 18.23
C8 ANP E . -17.76 -17.12 15.61
N7 ANP E . -16.00 -20.03 17.67
N7 ANP E . -18.11 -18.29 15.15
C5 ANP E . -16.88 -19.63 16.68
C5 ANP E . -17.49 -19.19 15.99
C6 ANP E . -17.65 -20.35 15.74
C6 ANP E . -17.46 -20.60 16.04
N6 ANP E . -17.68 -21.68 15.69
N6 ANP E . -18.12 -21.37 15.19
N1 ANP E . -18.43 -19.64 14.89
N1 ANP E . -16.75 -21.18 17.02
C2 ANP E . -18.43 -18.31 14.97
C2 ANP E . -16.10 -20.40 17.91
N3 ANP E . -17.76 -17.52 15.83
N3 ANP E . -16.05 -19.07 17.97
C4 ANP E . -17.00 -18.24 16.66
C4 ANP E . -16.77 -18.51 16.97
MG MG F . -12.00 -14.31 9.39
#